data_8A7F
#
_entry.id   8A7F
#
_cell.length_a   138.530
_cell.length_b   138.530
_cell.length_c   96.894
_cell.angle_alpha   90.000
_cell.angle_beta   90.000
_cell.angle_gamma   120.000
#
_symmetry.space_group_name_H-M   'P 31 2 1'
#
loop_
_entity.id
_entity.type
_entity.pdbx_description
1 polymer 'Putative Sensory box protein,Sensor protein FixL'
2 non-polymer "ADENOSINE-5'-TRIPHOSPHATE"
3 non-polymer 'FLAVIN MONONUCLEOTIDE'
#
_entity_poly.entity_id   1
_entity_poly.type   'polypeptide(L)'
_entity_poly.pdbx_seq_one_letter_code
;MGSSHHHHHHSSGLVPRGSHMINAKLLQLMVEHSNDGIVVAEQEGNESILIYVNPAFERLTGYCADDILYQDCRFLQGED
HDQPGRAIIREAIREGRPCCQVLRNYRKDGSLFWNELSITPVHNEADQLTYYIGIQRDVTEHQQTQARLQELQSELVHVS
RLSAMGEMASALAHELNQPLAAISNYMKGSRRLLAGSSDPNTPKVESALDRAAEQALRAGQIIRRLRDFVARGESEKRVE
SLSKLIEEAGALGLAGAREQNVQLRFSLDPGADLVLADRVQIQQVLVNLFRNALEAMAQSQRRELVVTNTPAADDMIEVE
VSDTGSGFQDDVIPNLFQTFFTTKDTGMGVGLSISRSIIEAHGGRMWAESNASGGATFRFTLPAADEN
;
_entity_poly.pdbx_strand_id   A,B
#
loop_
_chem_comp.id
_chem_comp.type
_chem_comp.name
_chem_comp.formula
ATP non-polymer ADENOSINE-5'-TRIPHOSPHATE 'C10 H16 N5 O13 P3'
FMN non-polymer 'FLAVIN MONONUCLEOTIDE' 'C17 H21 N4 O9 P'
#
# COMPACT_ATOMS: atom_id res chain seq x y z
N HIS A 20 26.91 -42.90 3.50
CA HIS A 20 26.60 -41.53 3.10
C HIS A 20 27.26 -41.14 1.77
N MET A 21 27.13 -39.86 1.39
CA MET A 21 27.63 -39.39 0.10
C MET A 21 28.82 -38.45 0.17
N ILE A 22 29.18 -37.94 1.34
CA ILE A 22 30.26 -36.98 1.49
C ILE A 22 31.04 -37.30 2.75
N ASN A 23 32.37 -37.14 2.68
CA ASN A 23 33.19 -37.26 3.88
C ASN A 23 32.82 -36.17 4.88
N ALA A 24 32.63 -36.59 6.14
CA ALA A 24 32.14 -35.65 7.16
C ALA A 24 33.08 -34.46 7.33
N LYS A 25 34.37 -34.64 7.10
CA LYS A 25 35.28 -33.50 7.16
C LYS A 25 34.91 -32.46 6.12
N LEU A 26 34.57 -32.90 4.91
CA LEU A 26 34.18 -31.95 3.86
C LEU A 26 32.91 -31.20 4.24
N LEU A 27 31.95 -31.91 4.84
CA LEU A 27 30.71 -31.26 5.26
C LEU A 27 30.96 -30.21 6.31
N GLN A 28 31.77 -30.55 7.32
CA GLN A 28 32.10 -29.57 8.33
C GLN A 28 32.84 -28.38 7.73
N LEU A 29 33.73 -28.65 6.77
CA LEU A 29 34.44 -27.55 6.12
C LEU A 29 33.47 -26.63 5.39
N MET A 30 32.52 -27.20 4.66
CA MET A 30 31.54 -26.37 3.97
C MET A 30 30.73 -25.54 4.95
N VAL A 31 30.32 -26.16 6.06
CA VAL A 31 29.53 -25.44 7.06
C VAL A 31 30.35 -24.31 7.66
N GLU A 32 31.63 -24.55 7.93
CA GLU A 32 32.46 -23.56 8.62
C GLU A 32 32.64 -22.31 7.76
N HIS A 33 32.78 -22.47 6.45
CA HIS A 33 33.02 -21.32 5.58
C HIS A 33 31.77 -20.84 4.87
N SER A 34 30.60 -21.36 5.20
CA SER A 34 29.36 -20.84 4.63
C SER A 34 29.09 -19.43 5.13
N ASN A 35 28.42 -18.64 4.29
CA ASN A 35 28.11 -17.26 4.64
C ASN A 35 26.87 -17.12 5.51
N ASP A 36 25.99 -18.11 5.51
CA ASP A 36 24.80 -18.05 6.36
C ASP A 36 25.14 -18.63 7.74
N GLY A 37 24.70 -17.94 8.78
CA GLY A 37 25.00 -18.38 10.13
C GLY A 37 24.46 -19.77 10.40
N ILE A 38 25.31 -20.66 10.90
CA ILE A 38 24.89 -22.01 11.26
C ILE A 38 25.35 -22.27 12.68
N VAL A 39 24.41 -22.72 13.53
CA VAL A 39 24.73 -23.09 14.89
C VAL A 39 24.09 -24.43 15.21
N VAL A 40 24.63 -25.10 16.22
CA VAL A 40 24.13 -26.36 16.72
C VAL A 40 24.08 -26.26 18.24
N ALA A 41 22.94 -26.65 18.82
CA ALA A 41 22.66 -26.48 20.24
C ALA A 41 22.18 -27.77 20.86
N GLU A 42 22.33 -27.86 22.18
CA GLU A 42 22.00 -29.04 22.97
C GLU A 42 20.91 -28.69 23.97
N GLN A 43 19.86 -29.51 24.04
CA GLN A 43 18.76 -29.23 24.97
C GLN A 43 19.17 -29.63 26.38
N GLU A 44 19.18 -28.64 27.28
CA GLU A 44 19.48 -28.86 28.70
C GLU A 44 18.47 -28.12 29.55
N GLY A 45 17.44 -28.84 30.00
CA GLY A 45 16.41 -28.19 30.77
C GLY A 45 15.61 -27.28 29.85
N ASN A 46 15.42 -26.03 30.29
CA ASN A 46 14.73 -25.04 29.48
C ASN A 46 15.71 -24.16 28.70
N GLU A 47 16.96 -24.58 28.57
CA GLU A 47 18.00 -23.86 27.84
C GLU A 47 18.52 -24.72 26.69
N SER A 48 18.65 -24.10 25.53
CA SER A 48 19.28 -24.75 24.36
C SER A 48 20.68 -24.15 24.21
N ILE A 49 21.65 -24.73 24.91
CA ILE A 49 22.99 -24.18 24.94
C ILE A 49 23.68 -24.39 23.59
N LEU A 50 24.31 -23.34 23.09
CA LEU A 50 25.09 -23.45 21.86
C LEU A 50 26.30 -24.35 22.09
N ILE A 51 26.51 -25.30 21.18
CA ILE A 51 27.74 -26.08 21.17
C ILE A 51 28.56 -25.86 19.90
N TYR A 52 27.97 -25.37 18.82
CA TYR A 52 28.75 -25.06 17.63
C TYR A 52 28.23 -23.80 16.98
N VAL A 53 29.17 -22.95 16.55
CA VAL A 53 28.88 -21.79 15.72
C VAL A 53 29.97 -21.69 14.67
N ASN A 54 29.62 -21.14 13.52
CA ASN A 54 30.58 -20.95 12.46
C ASN A 54 31.04 -19.50 12.40
N PRO A 55 32.17 -19.23 11.72
CA PRO A 55 32.64 -17.84 11.64
C PRO A 55 31.62 -16.90 11.04
N ALA A 56 30.74 -17.38 10.16
CA ALA A 56 29.67 -16.51 9.66
C ALA A 56 28.80 -15.99 10.79
N PHE A 57 28.46 -16.86 11.74
CA PHE A 57 27.67 -16.42 12.89
C PHE A 57 28.46 -15.44 13.75
N GLU A 58 29.77 -15.69 13.92
CA GLU A 58 30.59 -14.76 14.69
C GLU A 58 30.61 -13.39 14.05
N ARG A 59 30.66 -13.34 12.72
CA ARG A 59 30.58 -12.07 12.01
C ARG A 59 29.23 -11.41 12.18
N LEU A 60 28.16 -12.16 11.92
CA LEU A 60 26.82 -11.58 11.96
C LEU A 60 26.50 -11.03 13.34
N THR A 61 26.92 -11.72 14.39
CA THR A 61 26.60 -11.34 15.75
C THR A 61 27.66 -10.46 16.38
N GLY A 62 28.86 -10.44 15.83
CA GLY A 62 29.94 -9.69 16.46
C GLY A 62 30.40 -10.30 17.76
N TYR A 63 30.11 -11.57 18.00
CA TYR A 63 30.54 -12.26 19.21
C TYR A 63 31.58 -13.31 18.86
N CYS A 64 32.50 -13.56 19.80
CA CYS A 64 33.52 -14.58 19.63
C CYS A 64 33.02 -15.89 20.23
N ALA A 65 33.26 -16.99 19.50
CA ALA A 65 32.74 -18.29 19.91
C ALA A 65 33.19 -18.66 21.31
N ASP A 66 34.48 -18.44 21.61
CA ASP A 66 35.01 -18.78 22.93
C ASP A 66 34.23 -18.10 24.05
N ASP A 67 33.68 -16.91 23.79
CA ASP A 67 32.97 -16.17 24.82
C ASP A 67 31.55 -16.69 25.04
N ILE A 68 30.82 -17.02 23.96
CA ILE A 68 29.38 -17.28 24.07
C ILE A 68 29.03 -18.76 24.03
N LEU A 69 30.00 -19.64 23.92
CA LEU A 69 29.73 -21.06 23.80
C LEU A 69 29.14 -21.62 25.08
N TYR A 70 28.29 -22.63 24.94
CA TYR A 70 27.67 -23.34 26.06
C TYR A 70 26.78 -22.40 26.86
N GLN A 71 26.01 -21.60 26.13
CA GLN A 71 24.96 -20.74 26.69
C GLN A 71 23.80 -20.73 25.70
N ASP A 72 22.65 -20.26 26.16
CA ASP A 72 21.52 -20.05 25.26
C ASP A 72 21.66 -18.66 24.63
N CYS A 73 21.20 -18.55 23.39
CA CYS A 73 21.39 -17.36 22.56
C CYS A 73 20.33 -16.29 22.80
N ARG A 74 19.58 -16.38 23.91
CA ARG A 74 18.56 -15.38 24.17
C ARG A 74 19.13 -13.97 24.31
N PHE A 75 20.40 -13.84 24.68
CA PHE A 75 20.97 -12.50 24.81
C PHE A 75 21.03 -11.77 23.48
N LEU A 76 20.83 -12.48 22.37
CA LEU A 76 20.75 -11.76 21.10
C LEU A 76 19.52 -10.86 21.06
N GLN A 77 18.46 -11.26 21.76
CA GLN A 77 17.33 -10.38 22.00
C GLN A 77 17.71 -9.27 22.96
N GLY A 78 18.44 -9.61 24.02
CA GLY A 78 18.87 -8.61 24.99
C GLY A 78 17.72 -8.17 25.86
N GLU A 79 17.48 -6.87 25.91
CA GLU A 79 16.36 -6.31 26.67
C GLU A 79 15.08 -6.26 25.84
N ASP A 80 15.13 -6.77 24.61
CA ASP A 80 13.98 -6.83 23.72
C ASP A 80 13.20 -8.14 23.91
N HIS A 81 12.78 -8.36 25.16
CA HIS A 81 12.20 -9.65 25.53
C HIS A 81 10.93 -9.97 24.74
N ASP A 82 9.95 -9.07 24.78
CA ASP A 82 8.60 -9.40 24.33
C ASP A 82 8.44 -9.16 22.85
N GLN A 83 8.54 -10.24 22.08
CA GLN A 83 8.17 -10.34 20.69
C GLN A 83 7.61 -11.75 20.53
N PRO A 84 6.61 -11.94 19.66
CA PRO A 84 5.98 -13.26 19.56
C PRO A 84 6.87 -14.33 18.96
N GLY A 85 7.91 -13.95 18.21
CA GLY A 85 8.87 -14.93 17.74
C GLY A 85 9.41 -15.77 18.89
N ARG A 86 9.67 -15.13 20.03
CA ARG A 86 10.18 -15.84 21.21
C ARG A 86 9.19 -16.91 21.64
N ALA A 87 7.92 -16.55 21.72
CA ALA A 87 6.91 -17.49 22.18
C ALA A 87 6.77 -18.67 21.22
N ILE A 88 6.66 -18.38 19.91
CA ILE A 88 6.48 -19.47 18.95
C ILE A 88 7.69 -20.40 18.97
N ILE A 89 8.89 -19.83 19.03
CA ILE A 89 10.09 -20.64 19.05
C ILE A 89 10.11 -21.53 20.28
N ARG A 90 9.80 -20.97 21.45
CA ARG A 90 9.83 -21.73 22.68
C ARG A 90 8.83 -22.89 22.65
N GLU A 91 7.60 -22.61 22.19
CA GLU A 91 6.61 -23.68 22.16
C GLU A 91 6.90 -24.71 21.08
N ALA A 92 7.48 -24.29 19.95
CA ALA A 92 7.89 -25.25 18.94
C ALA A 92 9.01 -26.14 19.46
N ILE A 93 9.90 -25.57 20.29
CA ILE A 93 10.96 -26.36 20.90
C ILE A 93 10.38 -27.39 21.84
N ARG A 94 9.47 -26.97 22.72
CA ARG A 94 8.83 -27.93 23.62
C ARG A 94 8.07 -28.98 22.83
N GLU A 95 7.32 -28.56 21.81
CA GLU A 95 6.54 -29.45 20.97
C GLU A 95 7.41 -30.36 20.11
N GLY A 96 8.69 -30.04 19.94
CA GLY A 96 9.56 -30.85 19.12
C GLY A 96 9.27 -30.73 17.64
N ARG A 97 9.34 -29.51 17.12
CA ARG A 97 8.97 -29.26 15.75
C ARG A 97 9.80 -28.11 15.23
N PRO A 98 10.23 -28.16 13.96
CA PRO A 98 11.00 -27.04 13.41
C PRO A 98 10.15 -25.80 13.27
N CYS A 99 10.84 -24.66 13.19
CA CYS A 99 10.13 -23.38 13.10
C CYS A 99 11.05 -22.34 12.49
N CYS A 100 10.50 -21.55 11.58
CA CYS A 100 11.17 -20.41 10.99
C CYS A 100 10.46 -19.13 11.37
N GLN A 101 11.23 -18.16 11.86
CA GLN A 101 10.70 -16.89 12.33
C GLN A 101 11.68 -15.78 11.99
N VAL A 102 11.31 -14.57 12.35
CA VAL A 102 12.18 -13.40 12.23
C VAL A 102 12.19 -12.70 13.58
N LEU A 103 13.37 -12.27 14.01
CA LEU A 103 13.51 -11.70 15.33
C LEU A 103 14.35 -10.42 15.25
N ARG A 104 14.22 -9.61 16.29
CA ARG A 104 15.01 -8.39 16.44
C ARG A 104 16.15 -8.69 17.40
N ASN A 105 17.38 -8.71 16.89
CA ASN A 105 18.53 -9.05 17.70
C ASN A 105 19.50 -7.88 17.76
N TYR A 106 20.26 -7.81 18.84
CA TYR A 106 21.25 -6.76 19.06
C TYR A 106 22.63 -7.38 19.16
N ARG A 107 23.59 -6.75 18.48
CA ARG A 107 24.95 -7.26 18.37
C ARG A 107 25.75 -6.93 19.63
N LYS A 108 27.07 -7.12 19.56
CA LYS A 108 27.94 -6.78 20.69
C LYS A 108 27.90 -5.28 20.97
N ASP A 109 27.98 -4.46 19.93
CA ASP A 109 27.99 -3.02 20.09
C ASP A 109 26.59 -2.42 20.27
N GLY A 110 25.57 -3.27 20.44
CA GLY A 110 24.22 -2.80 20.64
C GLY A 110 23.43 -2.55 19.38
N SER A 111 24.05 -2.57 18.21
CA SER A 111 23.34 -2.30 16.98
C SER A 111 22.30 -3.39 16.70
N LEU A 112 21.16 -2.97 16.16
CA LEU A 112 20.06 -3.89 15.88
C LEU A 112 20.19 -4.48 14.49
N PHE A 113 19.66 -5.69 14.35
CA PHE A 113 19.51 -6.32 13.05
C PHE A 113 18.36 -7.32 13.12
N TRP A 114 17.73 -7.56 11.97
CA TRP A 114 16.67 -8.55 11.87
C TRP A 114 17.25 -9.88 11.43
N ASN A 115 16.85 -10.94 12.13
CA ASN A 115 17.46 -12.26 12.00
C ASN A 115 16.36 -13.25 11.58
N GLU A 116 16.47 -13.75 10.35
CA GLU A 116 15.63 -14.85 9.88
C GLU A 116 16.22 -16.16 10.37
N LEU A 117 15.49 -16.87 11.20
CA LEU A 117 16.02 -18.00 11.95
C LEU A 117 15.17 -19.25 11.70
N SER A 118 15.83 -20.36 11.34
CA SER A 118 15.21 -21.68 11.27
C SER A 118 15.84 -22.58 12.31
N ILE A 119 15.01 -23.13 13.18
CA ILE A 119 15.43 -24.13 14.13
C ILE A 119 14.83 -25.46 13.71
N THR A 120 15.66 -26.48 13.66
CA THR A 120 15.20 -27.83 13.43
C THR A 120 15.61 -28.68 14.61
N PRO A 121 14.67 -29.20 15.40
CA PRO A 121 15.02 -30.14 16.46
C PRO A 121 15.26 -31.54 15.89
N VAL A 122 16.30 -32.18 16.42
CA VAL A 122 16.70 -33.53 16.01
C VAL A 122 16.89 -34.36 17.28
N HIS A 123 16.47 -35.62 17.24
CA HIS A 123 16.66 -36.54 18.35
C HIS A 123 17.89 -37.38 18.05
N ASN A 124 18.94 -37.21 18.87
CA ASN A 124 20.13 -38.02 18.76
C ASN A 124 19.93 -39.26 19.63
N GLU A 125 19.72 -40.39 18.98
CA GLU A 125 19.39 -41.64 19.67
C GLU A 125 20.58 -42.16 20.46
N ALA A 126 21.77 -42.15 19.85
CA ALA A 126 22.94 -42.78 20.47
C ALA A 126 23.28 -42.14 21.81
N ASP A 127 23.21 -40.82 21.88
CA ASP A 127 23.45 -40.10 23.12
C ASP A 127 22.19 -39.94 23.97
N GLN A 128 21.04 -40.40 23.48
CA GLN A 128 19.76 -40.22 24.15
C GLN A 128 19.56 -38.76 24.53
N LEU A 129 19.58 -37.91 23.50
CA LEU A 129 19.55 -36.46 23.70
C LEU A 129 18.78 -35.79 22.58
N THR A 130 18.45 -34.52 22.83
CA THR A 130 17.83 -33.66 21.83
C THR A 130 18.79 -32.54 21.46
N TYR A 131 19.05 -32.40 20.17
CA TYR A 131 19.85 -31.30 19.64
C TYR A 131 18.99 -30.44 18.73
N TYR A 132 19.50 -29.25 18.41
CA TYR A 132 18.84 -28.32 17.51
C TYR A 132 19.87 -27.78 16.52
N ILE A 133 19.46 -27.59 15.27
CA ILE A 133 20.32 -26.96 14.27
C ILE A 133 19.64 -25.69 13.79
N GLY A 134 20.36 -24.58 13.87
CA GLY A 134 19.82 -23.28 13.54
C GLY A 134 20.54 -22.60 12.39
N ILE A 135 19.79 -22.29 11.35
CA ILE A 135 20.29 -21.53 10.21
C ILE A 135 19.72 -20.13 10.28
N GLN A 136 20.58 -19.13 10.15
CA GLN A 136 20.20 -17.76 10.42
C GLN A 136 20.77 -16.83 9.36
N ARG A 137 19.90 -15.99 8.79
CA ARG A 137 20.24 -15.01 7.76
C ARG A 137 19.93 -13.59 8.24
N ASP A 138 20.70 -12.64 7.73
CA ASP A 138 20.54 -11.22 8.06
C ASP A 138 19.59 -10.58 7.04
N VAL A 139 18.37 -10.29 7.47
CA VAL A 139 17.36 -9.74 6.57
C VAL A 139 17.09 -8.29 6.96
N THR A 140 18.11 -7.63 7.50
CA THR A 140 17.95 -6.27 7.99
C THR A 140 17.66 -5.29 6.86
N GLU A 141 18.48 -5.32 5.80
CA GLU A 141 18.31 -4.36 4.71
C GLU A 141 16.95 -4.51 4.05
N HIS A 142 16.52 -5.75 3.82
CA HIS A 142 15.22 -6.01 3.22
C HIS A 142 14.09 -5.51 4.12
N GLN A 143 14.19 -5.79 5.42
CA GLN A 143 13.15 -5.35 6.34
C GLN A 143 13.05 -3.83 6.39
N GLN A 144 14.21 -3.16 6.40
CA GLN A 144 14.21 -1.70 6.36
C GLN A 144 13.52 -1.18 5.12
N THR A 145 13.92 -1.66 3.93
CA THR A 145 13.34 -1.15 2.71
C THR A 145 11.84 -1.43 2.65
N GLN A 146 11.40 -2.59 3.14
CA GLN A 146 9.99 -2.91 3.13
C GLN A 146 9.20 -1.99 4.06
N ALA A 147 9.70 -1.76 5.27
CA ALA A 147 9.00 -0.86 6.19
C ALA A 147 8.97 0.56 5.64
N ARG A 148 10.07 1.00 5.02
CA ARG A 148 10.11 2.32 4.42
C ARG A 148 9.09 2.46 3.30
N LEU A 149 8.96 1.42 2.46
CA LEU A 149 7.96 1.44 1.41
C LEU A 149 6.55 1.43 1.98
N GLN A 150 6.35 0.74 3.11
CA GLN A 150 5.06 0.77 3.79
C GLN A 150 4.70 2.18 4.23
N GLU A 151 5.69 2.88 4.79
CA GLU A 151 5.47 4.27 5.21
C GLU A 151 5.16 5.16 4.01
N LEU A 152 5.94 5.01 2.93
CA LEU A 152 5.69 5.83 1.73
C LEU A 152 4.31 5.54 1.16
N GLN A 153 3.90 4.27 1.17
CA GLN A 153 2.60 3.91 0.61
C GLN A 153 1.46 4.53 1.41
N SER A 154 1.53 4.46 2.74
CA SER A 154 0.47 5.06 3.55
C SER A 154 0.40 6.57 3.36
N GLU A 155 1.56 7.24 3.39
CA GLU A 155 1.55 8.70 3.24
C GLU A 155 1.07 9.12 1.85
N LEU A 156 1.48 8.38 0.81
CA LEU A 156 1.05 8.73 -0.54
C LEU A 156 -0.44 8.48 -0.72
N VAL A 157 -0.98 7.43 -0.09
CA VAL A 157 -2.43 7.21 -0.13
C VAL A 157 -3.16 8.41 0.46
N HIS A 158 -2.72 8.88 1.64
CA HIS A 158 -3.43 10.00 2.26
C HIS A 158 -3.32 11.26 1.40
N VAL A 159 -2.14 11.52 0.85
CA VAL A 159 -2.00 12.75 0.05
C VAL A 159 -2.77 12.65 -1.25
N SER A 160 -2.86 11.45 -1.84
CA SER A 160 -3.62 11.32 -3.09
C SER A 160 -5.11 11.51 -2.87
N ARG A 161 -5.68 10.93 -1.80
CA ARG A 161 -7.08 11.20 -1.51
C ARG A 161 -7.30 12.68 -1.21
N LEU A 162 -6.36 13.32 -0.50
CA LEU A 162 -6.47 14.75 -0.20
C LEU A 162 -6.52 15.56 -1.49
N SER A 163 -5.62 15.24 -2.44
CA SER A 163 -5.57 15.99 -3.69
C SER A 163 -6.80 15.73 -4.56
N ALA A 164 -7.32 14.50 -4.52
CA ALA A 164 -8.58 14.22 -5.23
C ALA A 164 -9.69 15.13 -4.70
N MET A 165 -9.85 15.18 -3.37
CA MET A 165 -10.85 16.05 -2.79
C MET A 165 -10.63 17.51 -3.20
N GLY A 166 -9.38 17.96 -3.15
CA GLY A 166 -9.09 19.35 -3.44
C GLY A 166 -9.40 19.73 -4.87
N GLU A 167 -8.95 18.94 -5.84
CA GLU A 167 -9.22 19.25 -7.23
C GLU A 167 -10.70 19.11 -7.55
N MET A 168 -11.39 18.16 -6.91
CA MET A 168 -12.84 18.07 -7.06
C MET A 168 -13.52 19.36 -6.63
N ALA A 169 -13.18 19.86 -5.44
CA ALA A 169 -13.79 21.09 -4.95
C ALA A 169 -13.45 22.26 -5.87
N SER A 170 -12.20 22.36 -6.29
CA SER A 170 -11.78 23.49 -7.14
C SER A 170 -12.55 23.49 -8.47
N ALA A 171 -12.60 22.33 -9.14
CA ALA A 171 -13.28 22.26 -10.42
C ALA A 171 -14.78 22.51 -10.29
N LEU A 172 -15.40 21.95 -9.25
CA LEU A 172 -16.83 22.18 -9.04
C LEU A 172 -17.12 23.66 -8.78
N ALA A 173 -16.28 24.32 -7.97
CA ALA A 173 -16.46 25.74 -7.71
C ALA A 173 -16.32 26.56 -8.98
N HIS A 174 -15.29 26.25 -9.78
CA HIS A 174 -15.08 27.02 -11.00
C HIS A 174 -16.25 26.84 -11.97
N GLU A 175 -16.75 25.62 -12.11
CA GLU A 175 -17.86 25.38 -13.03
C GLU A 175 -19.14 26.04 -12.53
N LEU A 176 -19.35 26.07 -11.21
CA LEU A 176 -20.54 26.66 -10.62
C LEU A 176 -20.49 28.18 -10.52
N ASN A 177 -19.30 28.79 -10.71
CA ASN A 177 -19.19 30.23 -10.54
C ASN A 177 -20.12 31.00 -11.47
N GLN A 178 -20.19 30.59 -12.75
CA GLN A 178 -20.99 31.35 -13.70
C GLN A 178 -22.47 31.40 -13.36
N PRO A 179 -23.16 30.29 -13.04
CA PRO A 179 -24.59 30.41 -12.70
C PRO A 179 -24.87 31.26 -11.47
N LEU A 180 -24.06 31.15 -10.42
CA LEU A 180 -24.33 31.92 -9.20
C LEU A 180 -24.08 33.40 -9.44
N ALA A 181 -23.08 33.74 -10.25
CA ALA A 181 -22.87 35.13 -10.61
C ALA A 181 -24.01 35.66 -11.48
N ALA A 182 -24.50 34.83 -12.40
CA ALA A 182 -25.64 35.23 -13.22
C ALA A 182 -26.86 35.49 -12.35
N ILE A 183 -27.08 34.64 -11.35
CA ILE A 183 -28.23 34.84 -10.46
C ILE A 183 -28.09 36.14 -9.69
N SER A 184 -26.90 36.40 -9.14
CA SER A 184 -26.71 37.62 -8.37
C SER A 184 -26.91 38.85 -9.25
N ASN A 185 -26.37 38.82 -10.47
CA ASN A 185 -26.55 39.97 -11.37
C ASN A 185 -28.01 40.13 -11.75
N TYR A 186 -28.74 39.03 -11.97
CA TYR A 186 -30.15 39.13 -12.29
C TYR A 186 -30.94 39.76 -11.15
N MET A 187 -30.64 39.38 -9.91
CA MET A 187 -31.33 40.01 -8.79
C MET A 187 -31.01 41.50 -8.73
N LYS A 188 -29.74 41.87 -8.94
CA LYS A 188 -29.38 43.28 -8.93
C LYS A 188 -30.15 44.05 -10.00
N GLY A 189 -30.20 43.51 -11.21
CA GLY A 189 -30.89 44.20 -12.29
C GLY A 189 -32.39 44.28 -12.07
N SER A 190 -32.98 43.22 -11.53
CA SER A 190 -34.41 43.25 -11.26
C SER A 190 -34.73 44.28 -10.19
N ARG A 191 -33.90 44.40 -9.17
CA ARG A 191 -34.11 45.43 -8.16
C ARG A 191 -33.98 46.82 -8.77
N ARG A 192 -33.02 47.00 -9.69
CA ARG A 192 -32.90 48.27 -10.40
C ARG A 192 -34.18 48.58 -11.20
N LEU A 193 -34.74 47.56 -11.85
CA LEU A 193 -35.96 47.78 -12.62
C LEU A 193 -37.14 48.12 -11.73
N LEU A 194 -37.25 47.45 -10.59
CA LEU A 194 -38.40 47.64 -9.72
C LEU A 194 -38.28 48.85 -8.80
N ALA A 195 -37.10 49.45 -8.69
CA ALA A 195 -36.98 50.65 -7.87
C ALA A 195 -37.99 51.71 -8.29
N GLY A 196 -38.20 51.86 -9.58
CA GLY A 196 -39.17 52.80 -10.10
C GLY A 196 -40.51 52.13 -10.33
N SER A 197 -41.15 51.65 -9.27
CA SER A 197 -42.42 50.96 -9.41
C SER A 197 -43.39 51.36 -8.30
N SER A 198 -44.68 51.30 -8.64
CA SER A 198 -45.76 51.66 -7.73
C SER A 198 -46.69 50.50 -7.43
N ASP A 199 -46.49 49.35 -8.06
CA ASP A 199 -47.34 48.19 -7.82
C ASP A 199 -47.27 47.80 -6.35
N PRO A 200 -48.41 47.57 -5.69
CA PRO A 200 -48.36 47.18 -4.26
C PRO A 200 -47.54 45.93 -3.98
N ASN A 201 -47.45 44.99 -4.92
CA ASN A 201 -46.65 43.80 -4.67
C ASN A 201 -45.16 44.05 -4.79
N THR A 202 -44.75 45.21 -5.31
CA THR A 202 -43.33 45.46 -5.53
C THR A 202 -42.50 45.30 -4.25
N PRO A 203 -42.88 45.83 -3.09
CA PRO A 203 -42.07 45.57 -1.88
C PRO A 203 -41.92 44.09 -1.52
N LYS A 204 -42.98 43.31 -1.68
CA LYS A 204 -42.86 41.87 -1.40
C LYS A 204 -41.89 41.22 -2.38
N VAL A 205 -41.97 41.62 -3.64
CA VAL A 205 -41.03 41.10 -4.64
C VAL A 205 -39.61 41.48 -4.27
N GLU A 206 -39.41 42.74 -3.85
CA GLU A 206 -38.07 43.18 -3.47
C GLU A 206 -37.53 42.36 -2.30
N SER A 207 -38.38 42.09 -1.30
CA SER A 207 -37.93 41.26 -0.18
C SER A 207 -37.56 39.85 -0.64
N ALA A 208 -38.39 39.25 -1.49
CA ALA A 208 -38.11 37.91 -1.99
C ALA A 208 -36.80 37.87 -2.76
N LEU A 209 -36.57 38.87 -3.62
CA LEU A 209 -35.34 38.89 -4.41
C LEU A 209 -34.12 39.15 -3.55
N ASP A 210 -34.25 40.02 -2.54
CA ASP A 210 -33.15 40.23 -1.60
C ASP A 210 -32.78 38.93 -0.90
N ARG A 211 -33.78 38.19 -0.45
CA ARG A 211 -33.49 36.91 0.20
C ARG A 211 -32.87 35.92 -0.77
N ALA A 212 -33.28 35.95 -2.05
CA ALA A 212 -32.64 35.08 -3.05
C ALA A 212 -31.17 35.43 -3.22
N ALA A 213 -30.84 36.73 -3.27
CA ALA A 213 -29.45 37.13 -3.41
C ALA A 213 -28.62 36.68 -2.21
N GLU A 214 -29.19 36.81 -1.01
CA GLU A 214 -28.46 36.34 0.17
C GLU A 214 -28.27 34.82 0.12
N GLN A 215 -29.24 34.10 -0.44
CA GLN A 215 -29.06 32.66 -0.61
C GLN A 215 -27.92 32.35 -1.57
N ALA A 216 -27.81 33.10 -2.66
CA ALA A 216 -26.69 32.89 -3.58
C ALA A 216 -25.35 33.17 -2.92
N LEU A 217 -25.29 34.25 -2.15
CA LEU A 217 -24.07 34.56 -1.39
C LEU A 217 -23.71 33.43 -0.44
N ARG A 218 -24.70 32.90 0.28
CA ARG A 218 -24.43 31.82 1.22
C ARG A 218 -24.01 30.54 0.50
N ALA A 219 -24.52 30.31 -0.70
CA ALA A 219 -24.08 29.16 -1.49
C ALA A 219 -22.60 29.29 -1.84
N GLY A 220 -22.18 30.48 -2.30
CA GLY A 220 -20.76 30.70 -2.53
C GLY A 220 -19.93 30.50 -1.28
N GLN A 221 -20.46 30.98 -0.14
CA GLN A 221 -19.76 30.81 1.14
C GLN A 221 -19.61 29.34 1.49
N ILE A 222 -20.65 28.53 1.23
CA ILE A 222 -20.58 27.10 1.51
C ILE A 222 -19.54 26.44 0.61
N ILE A 223 -19.49 26.87 -0.65
CA ILE A 223 -18.48 26.38 -1.58
C ILE A 223 -17.09 26.59 -0.98
N ARG A 224 -16.82 27.82 -0.55
CA ARG A 224 -15.48 28.13 -0.02
C ARG A 224 -15.23 27.45 1.32
N ARG A 225 -16.27 27.27 2.14
CA ARG A 225 -16.10 26.57 3.41
C ARG A 225 -15.60 25.16 3.18
N LEU A 226 -16.29 24.38 2.33
CA LEU A 226 -15.83 23.02 2.08
C LEU A 226 -14.46 23.02 1.42
N ARG A 227 -14.25 23.93 0.46
CA ARG A 227 -13.00 23.99 -0.28
C ARG A 227 -11.81 24.20 0.65
N ASP A 228 -11.96 25.10 1.63
CA ASP A 228 -10.89 25.37 2.57
C ASP A 228 -10.83 24.37 3.71
N PHE A 229 -11.92 23.64 3.97
CA PHE A 229 -11.86 22.61 5.01
C PHE A 229 -11.09 21.38 4.53
N VAL A 230 -11.21 21.04 3.25
CA VAL A 230 -10.50 19.85 2.78
C VAL A 230 -9.11 20.19 2.26
N ALA A 231 -8.94 21.32 1.57
CA ALA A 231 -7.64 21.66 0.99
C ALA A 231 -6.66 22.24 2.01
N ARG A 232 -6.96 22.17 3.31
CA ARG A 232 -6.02 22.62 4.33
C ARG A 232 -4.83 21.68 4.40
N GLY A 233 -3.64 22.27 4.45
CA GLY A 233 -2.40 21.51 4.47
C GLY A 233 -1.16 22.37 4.40
N GLU A 234 -0.06 21.87 4.95
CA GLU A 234 1.19 22.61 4.97
C GLU A 234 1.80 22.66 3.58
N SER A 235 2.03 23.88 3.08
CA SER A 235 2.65 24.08 1.76
C SER A 235 4.16 24.22 1.88
N GLU A 236 4.77 23.30 2.63
CA GLU A 236 6.19 23.36 2.91
C GLU A 236 7.02 23.12 1.65
N LYS A 237 8.26 23.61 1.69
CA LYS A 237 9.24 23.39 0.63
C LYS A 237 10.58 23.16 1.31
N ARG A 238 11.25 22.06 0.98
CA ARG A 238 12.55 21.77 1.58
C ARG A 238 13.50 21.27 0.49
N VAL A 239 14.80 21.26 0.82
CA VAL A 239 15.80 20.70 -0.06
C VAL A 239 15.63 19.19 -0.16
N GLU A 240 15.47 18.69 -1.39
CA GLU A 240 15.17 17.30 -1.63
C GLU A 240 16.04 16.81 -2.77
N SER A 241 16.52 15.57 -2.66
CA SER A 241 17.32 14.95 -3.71
C SER A 241 16.40 14.34 -4.76
N LEU A 242 16.64 14.69 -6.03
CA LEU A 242 15.83 14.15 -7.11
C LEU A 242 16.07 12.66 -7.30
N SER A 243 17.33 12.23 -7.19
CA SER A 243 17.63 10.80 -7.25
C SER A 243 16.80 10.00 -6.24
N LYS A 244 16.78 10.47 -4.99
CA LYS A 244 16.04 9.77 -3.94
C LYS A 244 14.54 9.74 -4.23
N LEU A 245 13.94 10.88 -4.54
CA LEU A 245 12.49 10.85 -4.73
C LEU A 245 12.11 10.16 -6.04
N ILE A 246 12.99 10.14 -7.03
CA ILE A 246 12.74 9.38 -8.25
C ILE A 246 12.79 7.89 -7.96
N GLU A 247 13.70 7.47 -7.08
CA GLU A 247 13.78 6.06 -6.73
C GLU A 247 12.59 5.64 -5.89
N GLU A 248 12.19 6.49 -4.94
CA GLU A 248 11.00 6.23 -4.14
C GLU A 248 9.75 6.12 -5.01
N ALA A 249 9.61 7.04 -5.98
CA ALA A 249 8.46 6.99 -6.85
C ALA A 249 8.51 5.76 -7.74
N GLY A 250 9.70 5.35 -8.18
CA GLY A 250 9.77 4.16 -9.00
C GLY A 250 9.40 2.93 -8.19
N ALA A 251 9.89 2.87 -6.95
CA ALA A 251 9.57 1.78 -6.03
C ALA A 251 8.07 1.63 -5.84
N LEU A 252 7.35 2.75 -5.77
CA LEU A 252 5.90 2.61 -5.62
C LEU A 252 5.22 2.36 -6.97
N GLY A 253 5.48 3.23 -7.95
CA GLY A 253 4.69 3.24 -9.17
C GLY A 253 5.12 2.23 -10.22
N LEU A 254 6.40 1.84 -10.21
CA LEU A 254 6.99 1.02 -11.26
C LEU A 254 7.21 -0.43 -10.81
N ALA A 255 6.38 -0.92 -9.89
CA ALA A 255 6.51 -2.29 -9.42
C ALA A 255 6.36 -3.31 -10.55
N GLY A 256 5.35 -3.13 -11.40
CA GLY A 256 5.00 -4.01 -12.49
C GLY A 256 5.84 -3.93 -13.74
N ALA A 257 6.92 -3.14 -13.73
CA ALA A 257 7.74 -2.98 -14.93
C ALA A 257 8.36 -4.30 -15.38
N ARG A 258 8.85 -5.12 -14.43
CA ARG A 258 9.46 -6.38 -14.80
C ARG A 258 8.49 -7.32 -15.52
N GLU A 259 7.27 -7.48 -14.99
CA GLU A 259 6.36 -8.44 -15.61
C GLU A 259 5.88 -7.95 -16.98
N GLN A 260 5.81 -6.65 -17.19
CA GLN A 260 5.50 -6.09 -18.50
C GLN A 260 6.72 -5.94 -19.40
N ASN A 261 7.90 -6.41 -18.97
CA ASN A 261 9.14 -6.26 -19.75
C ASN A 261 9.41 -4.80 -20.11
N VAL A 262 9.24 -3.91 -19.13
CA VAL A 262 9.52 -2.49 -19.32
C VAL A 262 10.99 -2.20 -18.99
N GLN A 263 11.68 -1.54 -19.92
CA GLN A 263 13.08 -1.17 -19.75
C GLN A 263 13.18 0.16 -19.01
N LEU A 264 13.78 0.13 -17.82
CA LEU A 264 13.94 1.32 -16.99
C LEU A 264 15.30 1.97 -17.19
N ARG A 265 15.32 3.30 -17.33
CA ARG A 265 16.57 4.05 -17.45
C ARG A 265 16.48 5.30 -16.59
N PHE A 266 17.32 5.39 -15.56
CA PHE A 266 17.45 6.60 -14.73
C PHE A 266 18.74 7.35 -15.09
N SER A 267 18.59 8.41 -15.87
CA SER A 267 19.70 9.29 -16.26
C SER A 267 19.68 10.48 -15.32
N LEU A 268 20.42 10.34 -14.22
CA LEU A 268 20.44 11.32 -13.15
C LEU A 268 21.75 12.10 -13.17
N ASP A 269 21.67 13.39 -12.82
CA ASP A 269 22.83 14.28 -12.81
C ASP A 269 23.08 14.72 -11.37
N PRO A 270 24.21 14.36 -10.75
CA PRO A 270 24.45 14.75 -9.36
C PRO A 270 24.59 16.24 -9.16
N GLY A 271 24.92 17.01 -10.21
CA GLY A 271 25.01 18.45 -10.05
C GLY A 271 23.68 19.17 -10.08
N ALA A 272 22.64 18.49 -10.53
CA ALA A 272 21.29 19.03 -10.66
C ALA A 272 20.30 18.16 -9.90
N ASP A 273 20.66 17.75 -8.69
CA ASP A 273 19.90 16.75 -7.96
C ASP A 273 19.10 17.31 -6.80
N LEU A 274 19.53 18.42 -6.20
CA LEU A 274 18.82 19.01 -5.06
C LEU A 274 17.92 20.13 -5.54
N VAL A 275 16.63 20.03 -5.22
CA VAL A 275 15.65 21.05 -5.55
C VAL A 275 14.92 21.45 -4.27
N LEU A 276 14.27 22.61 -4.31
CA LEU A 276 13.36 23.02 -3.24
C LEU A 276 11.95 22.60 -3.59
N ALA A 277 11.43 21.60 -2.87
CA ALA A 277 10.13 21.03 -3.16
C ALA A 277 9.56 20.37 -1.91
N ASP A 278 8.25 20.13 -1.93
CA ASP A 278 7.58 19.27 -0.96
C ASP A 278 7.65 17.85 -1.53
N ARG A 279 8.45 16.99 -0.89
CA ARG A 279 8.83 15.73 -1.50
C ARG A 279 7.65 14.80 -1.76
N VAL A 280 6.66 14.79 -0.87
CA VAL A 280 5.50 13.92 -1.09
C VAL A 280 4.69 14.34 -2.30
N GLN A 281 4.58 15.64 -2.57
CA GLN A 281 3.80 16.08 -3.73
C GLN A 281 4.50 15.77 -5.06
N ILE A 282 5.82 15.97 -5.14
CA ILE A 282 6.54 15.58 -6.34
C ILE A 282 6.57 14.07 -6.49
N GLN A 283 6.73 13.36 -5.38
CA GLN A 283 6.56 11.92 -5.38
C GLN A 283 5.23 11.52 -6.02
N GLN A 284 4.12 12.19 -5.64
CA GLN A 284 2.84 11.72 -6.16
C GLN A 284 2.65 12.08 -7.62
N VAL A 285 3.21 13.22 -8.06
CA VAL A 285 3.18 13.55 -9.50
C VAL A 285 3.95 12.50 -10.29
N LEU A 286 5.13 12.11 -9.81
CA LEU A 286 5.94 11.15 -10.57
C LEU A 286 5.29 9.77 -10.53
N VAL A 287 4.79 9.35 -9.37
CA VAL A 287 4.05 8.08 -9.28
C VAL A 287 2.91 8.04 -10.30
N ASN A 288 2.14 9.12 -10.39
CA ASN A 288 1.07 9.21 -11.39
C ASN A 288 1.60 9.13 -12.81
N LEU A 289 2.71 9.81 -13.10
CA LEU A 289 3.28 9.73 -14.44
C LEU A 289 3.74 8.31 -14.74
N PHE A 290 4.36 7.64 -13.78
CA PHE A 290 4.84 6.28 -13.99
C PHE A 290 3.67 5.32 -14.24
N ARG A 291 2.59 5.47 -13.47
CA ARG A 291 1.42 4.62 -13.68
C ARG A 291 0.80 4.85 -15.05
N ASN A 292 0.66 6.12 -15.46
CA ASN A 292 0.13 6.42 -16.80
C ASN A 292 1.02 5.87 -17.89
N ALA A 293 2.35 5.96 -17.72
CA ALA A 293 3.26 5.47 -18.74
C ALA A 293 3.20 3.95 -18.82
N LEU A 294 3.15 3.26 -17.68
CA LEU A 294 3.05 1.81 -17.69
C LEU A 294 1.75 1.36 -18.34
N GLU A 295 0.66 2.08 -18.08
CA GLU A 295 -0.61 1.74 -18.69
C GLU A 295 -0.59 1.96 -20.19
N ALA A 296 0.01 3.07 -20.64
CA ALA A 296 0.07 3.35 -22.07
C ALA A 296 0.97 2.38 -22.83
N MET A 297 1.84 1.65 -22.13
CA MET A 297 2.72 0.66 -22.76
C MET A 297 2.28 -0.77 -22.46
N ALA A 298 1.02 -0.98 -22.08
CA ALA A 298 0.55 -2.34 -21.80
C ALA A 298 0.41 -3.15 -23.09
N GLN A 299 -0.07 -2.52 -24.16
CA GLN A 299 -0.21 -3.16 -25.46
C GLN A 299 0.86 -2.70 -26.45
N SER A 300 1.96 -2.14 -25.96
CA SER A 300 3.02 -1.62 -26.81
C SER A 300 4.10 -2.68 -27.04
N GLN A 301 4.67 -2.68 -28.24
CA GLN A 301 5.71 -3.65 -28.55
C GLN A 301 7.03 -3.22 -27.94
N ARG A 302 7.37 -1.94 -28.07
CA ARG A 302 8.51 -1.35 -27.37
C ARG A 302 8.02 -0.72 -26.08
N ARG A 303 8.59 -1.13 -24.95
CA ARG A 303 8.19 -0.62 -23.64
C ARG A 303 9.47 -0.10 -22.98
N GLU A 304 9.67 1.20 -23.04
CA GLU A 304 10.90 1.82 -22.54
C GLU A 304 10.55 3.09 -21.82
N LEU A 305 11.03 3.23 -20.59
CA LEU A 305 10.78 4.40 -19.77
C LEU A 305 12.11 5.03 -19.41
N VAL A 306 12.27 6.31 -19.72
CA VAL A 306 13.49 7.05 -19.46
C VAL A 306 13.13 8.22 -18.56
N VAL A 307 13.86 8.38 -17.47
CA VAL A 307 13.75 9.53 -16.59
C VAL A 307 15.09 10.21 -16.61
N THR A 308 15.10 11.53 -16.78
CA THR A 308 16.35 12.26 -16.94
C THR A 308 16.23 13.61 -16.27
N ASN A 309 17.28 14.05 -15.58
CA ASN A 309 17.27 15.41 -15.07
C ASN A 309 18.41 16.21 -15.70
N THR A 310 18.16 17.49 -15.95
CA THR A 310 19.13 18.37 -16.56
C THR A 310 19.00 19.75 -15.93
N PRO A 311 20.05 20.56 -15.93
CA PRO A 311 19.89 21.96 -15.54
C PRO A 311 19.02 22.72 -16.53
N ALA A 312 18.27 23.69 -16.03
CA ALA A 312 17.47 24.57 -16.87
C ALA A 312 17.57 26.00 -16.37
N ALA A 313 17.16 26.93 -17.23
CA ALA A 313 17.26 28.37 -16.98
C ALA A 313 16.58 28.78 -15.69
N ASP A 314 16.93 29.96 -15.19
CA ASP A 314 16.40 30.52 -13.94
C ASP A 314 16.81 29.68 -12.73
N ASP A 315 18.04 29.14 -12.78
CA ASP A 315 18.57 28.30 -11.71
C ASP A 315 17.62 27.15 -11.38
N MET A 316 17.02 26.57 -12.41
CA MET A 316 16.01 25.54 -12.24
C MET A 316 16.56 24.20 -12.71
N ILE A 317 15.78 23.15 -12.50
CA ILE A 317 16.15 21.82 -12.96
C ILE A 317 14.96 21.21 -13.68
N GLU A 318 15.19 20.64 -14.86
CA GLU A 318 14.14 20.07 -15.69
C GLU A 318 14.20 18.55 -15.59
N VAL A 319 13.05 17.93 -15.35
CA VAL A 319 12.90 16.49 -15.31
C VAL A 319 12.08 16.05 -16.52
N GLU A 320 12.58 15.05 -17.24
CA GLU A 320 11.96 14.50 -18.44
C GLU A 320 11.61 13.05 -18.17
N VAL A 321 10.40 12.64 -18.52
CA VAL A 321 9.97 11.25 -18.45
C VAL A 321 9.41 10.86 -19.81
N SER A 322 10.08 9.97 -20.52
CA SER A 322 9.67 9.58 -21.86
C SER A 322 9.32 8.09 -21.90
N ASP A 323 8.28 7.76 -22.67
CA ASP A 323 7.83 6.39 -22.87
C ASP A 323 7.65 6.10 -24.35
N THR A 324 7.38 4.83 -24.66
CA THR A 324 7.06 4.37 -26.00
C THR A 324 5.62 3.88 -26.09
N GLY A 325 4.70 4.54 -25.37
CA GLY A 325 3.33 4.08 -25.27
C GLY A 325 2.45 4.50 -26.42
N SER A 326 1.14 4.39 -26.20
CA SER A 326 0.15 4.75 -27.22
C SER A 326 0.22 6.22 -27.58
N GLY A 327 0.80 7.06 -26.72
CA GLY A 327 1.04 8.45 -27.06
C GLY A 327 -0.23 9.29 -27.10
N PHE A 328 -0.16 10.35 -27.90
CA PHE A 328 -1.20 11.37 -27.95
C PHE A 328 -1.82 11.45 -29.34
N GLN A 329 -3.14 11.33 -29.41
CA GLN A 329 -3.85 11.69 -30.62
C GLN A 329 -3.72 13.19 -30.87
N ASP A 330 -4.04 13.60 -32.10
CA ASP A 330 -3.69 14.96 -32.54
C ASP A 330 -4.33 16.03 -31.66
N ASP A 331 -5.60 15.86 -31.30
CA ASP A 331 -6.32 16.84 -30.51
C ASP A 331 -6.15 16.68 -29.01
N VAL A 332 -5.47 15.63 -28.56
CA VAL A 332 -5.44 15.31 -27.13
C VAL A 332 -4.52 16.25 -26.36
N ILE A 333 -3.37 16.59 -26.94
CA ILE A 333 -2.31 17.29 -26.18
C ILE A 333 -2.80 18.54 -25.45
N PRO A 334 -3.52 19.47 -26.07
CA PRO A 334 -3.94 20.68 -25.34
C PRO A 334 -5.03 20.47 -24.30
N ASN A 335 -5.61 19.28 -24.17
CA ASN A 335 -6.59 18.99 -23.13
C ASN A 335 -6.02 18.31 -21.91
N LEU A 336 -4.79 17.78 -22.01
CA LEU A 336 -4.25 16.88 -20.98
C LEU A 336 -4.40 17.43 -19.57
N PHE A 337 -4.12 18.71 -19.38
CA PHE A 337 -4.02 19.26 -18.03
C PHE A 337 -5.34 19.79 -17.51
N GLN A 338 -6.39 19.79 -18.33
CA GLN A 338 -7.71 20.19 -17.85
C GLN A 338 -8.27 19.13 -16.92
N THR A 339 -8.86 19.58 -15.81
CA THR A 339 -9.45 18.67 -14.85
C THR A 339 -10.57 17.85 -15.49
N PHE A 340 -10.55 16.54 -15.21
CA PHE A 340 -11.53 15.53 -15.64
C PHE A 340 -11.35 15.08 -17.09
N PHE A 341 -10.32 15.54 -17.79
CA PHE A 341 -10.07 15.04 -19.15
C PHE A 341 -9.47 13.64 -19.05
N THR A 342 -10.11 12.67 -19.70
CA THR A 342 -9.70 11.28 -19.60
C THR A 342 -9.92 10.55 -20.92
N THR A 343 -9.07 9.55 -21.16
CA THR A 343 -9.25 8.60 -22.25
C THR A 343 -9.60 7.21 -21.75
N LYS A 344 -9.64 6.99 -20.43
CA LYS A 344 -9.96 5.69 -19.88
C LYS A 344 -11.42 5.64 -19.46
N ASP A 345 -12.04 4.46 -19.63
CA ASP A 345 -13.42 4.29 -19.23
C ASP A 345 -13.59 4.43 -17.73
N THR A 346 -12.60 4.01 -16.95
CA THR A 346 -12.65 4.15 -15.50
C THR A 346 -11.68 5.20 -14.97
N GLY A 347 -11.08 6.00 -15.86
CA GLY A 347 -10.17 7.03 -15.43
C GLY A 347 -10.89 8.24 -14.86
N MET A 348 -10.14 9.05 -14.11
CA MET A 348 -10.68 10.26 -13.50
C MET A 348 -10.20 11.55 -14.15
N GLY A 349 -9.02 11.55 -14.76
CA GLY A 349 -8.52 12.74 -15.41
C GLY A 349 -8.12 13.84 -14.48
N VAL A 350 -7.85 13.53 -13.21
CA VAL A 350 -7.42 14.52 -12.24
C VAL A 350 -5.92 14.48 -12.00
N GLY A 351 -5.25 13.38 -12.34
CA GLY A 351 -3.82 13.25 -12.07
C GLY A 351 -3.00 14.37 -12.67
N LEU A 352 -3.13 14.58 -13.98
CA LEU A 352 -2.32 15.61 -14.63
C LEU A 352 -2.70 17.02 -14.20
N SER A 353 -3.97 17.28 -13.93
CA SER A 353 -4.35 18.63 -13.50
C SER A 353 -3.75 18.96 -12.15
N ILE A 354 -3.85 18.03 -11.19
CA ILE A 354 -3.22 18.20 -9.89
C ILE A 354 -1.70 18.31 -10.03
N SER A 355 -1.09 17.44 -10.84
CA SER A 355 0.35 17.52 -11.05
C SER A 355 0.79 18.88 -11.58
N ARG A 356 0.09 19.40 -12.59
CA ARG A 356 0.46 20.70 -13.13
C ARG A 356 0.30 21.79 -12.09
N SER A 357 -0.75 21.73 -11.27
CA SER A 357 -0.92 22.75 -10.24
C SER A 357 0.17 22.66 -9.18
N ILE A 358 0.59 21.44 -8.85
CA ILE A 358 1.66 21.24 -7.88
C ILE A 358 2.98 21.79 -8.41
N ILE A 359 3.33 21.44 -9.66
CA ILE A 359 4.57 21.94 -10.25
C ILE A 359 4.56 23.45 -10.35
N GLU A 360 3.44 24.05 -10.78
CA GLU A 360 3.38 25.50 -10.88
C GLU A 360 3.42 26.18 -9.52
N ALA A 361 2.82 25.58 -8.49
CA ALA A 361 2.90 26.13 -7.14
C ALA A 361 4.32 26.11 -6.57
N HIS A 362 5.17 25.19 -7.04
CA HIS A 362 6.55 25.08 -6.59
C HIS A 362 7.51 25.96 -7.37
N GLY A 363 7.01 26.80 -8.27
CA GLY A 363 7.83 27.72 -9.02
C GLY A 363 8.28 27.23 -10.38
N GLY A 364 7.82 26.05 -10.82
CA GLY A 364 8.15 25.51 -12.10
C GLY A 364 6.95 25.48 -13.04
N ARG A 365 7.16 24.87 -14.20
CA ARG A 365 6.10 24.70 -15.17
C ARG A 365 6.12 23.27 -15.69
N MET A 366 4.99 22.58 -15.55
CA MET A 366 4.85 21.22 -16.06
C MET A 366 4.10 21.25 -17.39
N TRP A 367 4.56 20.43 -18.33
CA TRP A 367 3.98 20.39 -19.66
C TRP A 367 4.31 19.05 -20.30
N ALA A 368 3.72 18.83 -21.49
CA ALA A 368 3.78 17.54 -22.15
C ALA A 368 4.05 17.73 -23.64
N GLU A 369 4.56 16.68 -24.26
CA GLU A 369 4.78 16.67 -25.70
C GLU A 369 4.83 15.23 -26.19
N SER A 370 4.52 15.05 -27.47
CA SER A 370 4.73 13.76 -28.12
C SER A 370 6.22 13.54 -28.35
N ASN A 371 6.64 12.28 -28.28
CA ASN A 371 8.02 11.94 -28.60
C ASN A 371 8.08 11.24 -29.95
N ALA A 372 9.31 11.04 -30.44
CA ALA A 372 9.52 10.52 -31.78
C ALA A 372 9.16 9.05 -31.93
N SER A 373 8.95 8.33 -30.82
CA SER A 373 8.65 6.91 -30.86
C SER A 373 7.15 6.62 -30.83
N GLY A 374 6.31 7.65 -30.88
CA GLY A 374 4.88 7.49 -30.81
C GLY A 374 4.32 7.46 -29.41
N GLY A 375 5.15 7.63 -28.39
CA GLY A 375 4.75 7.67 -27.01
C GLY A 375 4.58 9.08 -26.48
N ALA A 376 4.73 9.23 -25.18
CA ALA A 376 4.53 10.50 -24.49
C ALA A 376 5.78 10.89 -23.72
N THR A 377 6.09 12.19 -23.72
CA THR A 377 7.17 12.74 -22.92
C THR A 377 6.56 13.86 -22.07
N PHE A 378 6.75 13.75 -20.77
CA PHE A 378 6.37 14.81 -19.83
C PHE A 378 7.60 15.49 -19.29
N ARG A 379 7.52 16.82 -19.15
CA ARG A 379 8.62 17.58 -18.56
C ARG A 379 8.06 18.47 -17.46
N PHE A 380 8.85 18.66 -16.41
CA PHE A 380 8.53 19.71 -15.46
C PHE A 380 9.82 20.34 -14.96
N THR A 381 9.71 21.55 -14.41
CA THR A 381 10.85 22.25 -13.86
C THR A 381 10.61 22.55 -12.40
N LEU A 382 11.69 22.55 -11.63
CA LEU A 382 11.63 22.97 -10.24
C LEU A 382 12.81 23.86 -9.85
N GLY B 18 42.11 -25.89 12.84
CA GLY B 18 42.34 -27.13 13.55
C GLY B 18 41.44 -27.36 14.76
N SER B 19 40.44 -26.49 14.93
CA SER B 19 39.55 -26.58 16.07
C SER B 19 38.43 -27.58 15.82
N HIS B 20 37.93 -28.17 16.90
CA HIS B 20 36.79 -29.06 16.83
C HIS B 20 35.95 -28.85 18.09
N MET B 21 34.74 -28.32 17.92
CA MET B 21 33.84 -28.08 19.03
C MET B 21 32.71 -29.10 19.05
N ILE B 22 32.55 -29.84 17.96
CA ILE B 22 31.57 -30.91 17.83
C ILE B 22 32.22 -31.98 16.97
N ASN B 23 31.92 -33.23 17.28
CA ASN B 23 32.36 -34.32 16.43
C ASN B 23 31.76 -34.15 15.03
N ALA B 24 32.60 -34.25 14.00
CA ALA B 24 32.12 -33.99 12.65
C ALA B 24 30.96 -34.92 12.28
N LYS B 25 30.95 -36.13 12.83
CA LYS B 25 29.82 -37.03 12.63
C LYS B 25 28.53 -36.40 13.16
N LEU B 26 28.62 -35.75 14.33
CA LEU B 26 27.46 -35.09 14.90
C LEU B 26 26.97 -33.95 14.00
N LEU B 27 27.90 -33.20 13.41
CA LEU B 27 27.51 -32.12 12.51
C LEU B 27 26.81 -32.67 11.29
N GLN B 28 27.33 -33.76 10.71
CA GLN B 28 26.64 -34.38 9.59
C GLN B 28 25.24 -34.83 10.00
N LEU B 29 25.11 -35.39 11.20
CA LEU B 29 23.80 -35.83 11.67
C LEU B 29 22.84 -34.65 11.73
N MET B 30 23.30 -33.52 12.28
CA MET B 30 22.45 -32.33 12.35
C MET B 30 22.05 -31.85 10.96
N VAL B 31 23.00 -31.86 10.02
CA VAL B 31 22.70 -31.41 8.66
C VAL B 31 21.68 -32.34 8.00
N GLU B 32 21.83 -33.65 8.22
CA GLU B 32 20.98 -34.62 7.54
C GLU B 32 19.52 -34.45 7.94
N HIS B 33 19.28 -34.12 9.20
CA HIS B 33 17.92 -34.00 9.72
C HIS B 33 17.42 -32.56 9.74
N SER B 34 18.15 -31.63 9.14
CA SER B 34 17.67 -30.26 9.09
C SER B 34 16.42 -30.16 8.23
N ASN B 35 15.55 -29.23 8.60
CA ASN B 35 14.31 -29.02 7.88
C ASN B 35 14.51 -28.14 6.66
N ASP B 36 15.57 -27.33 6.65
CA ASP B 36 15.89 -26.50 5.50
C ASP B 36 16.78 -27.29 4.56
N GLY B 37 16.46 -27.24 3.27
CA GLY B 37 17.24 -27.97 2.28
C GLY B 37 18.69 -27.53 2.26
N ILE B 38 19.60 -28.49 2.36
CA ILE B 38 21.03 -28.19 2.30
C ILE B 38 21.65 -29.07 1.24
N VAL B 39 22.38 -28.46 0.31
CA VAL B 39 23.09 -29.20 -0.72
C VAL B 39 24.53 -28.71 -0.80
N VAL B 40 25.38 -29.55 -1.38
CA VAL B 40 26.78 -29.26 -1.62
C VAL B 40 27.11 -29.68 -3.05
N ALA B 41 27.75 -28.76 -3.79
CA ALA B 41 28.01 -28.97 -5.21
C ALA B 41 29.47 -28.72 -5.51
N GLU B 42 29.94 -29.30 -6.62
CA GLU B 42 31.34 -29.28 -7.02
C GLU B 42 31.45 -28.58 -8.37
N GLN B 43 32.38 -27.64 -8.49
CA GLN B 43 32.56 -26.91 -9.73
C GLN B 43 33.28 -27.79 -10.75
N GLU B 44 32.59 -28.09 -11.85
CA GLU B 44 33.16 -28.86 -12.96
C GLU B 44 32.75 -28.11 -14.22
N GLY B 45 33.60 -27.15 -14.63
CA GLY B 45 33.26 -26.28 -15.75
C GLY B 45 32.16 -25.29 -15.39
N ASN B 46 31.20 -25.12 -16.30
CA ASN B 46 30.04 -24.26 -16.09
C ASN B 46 28.87 -25.04 -15.51
N GLU B 47 29.13 -26.19 -14.91
CA GLU B 47 28.09 -26.96 -14.27
C GLU B 47 28.52 -27.23 -12.83
N SER B 48 27.62 -26.91 -11.89
CA SER B 48 27.87 -27.13 -10.47
C SER B 48 27.15 -28.41 -10.07
N ILE B 49 27.83 -29.53 -10.23
CA ILE B 49 27.20 -30.84 -10.04
C ILE B 49 26.89 -31.05 -8.57
N LEU B 50 25.67 -31.51 -8.29
CA LEU B 50 25.31 -31.86 -6.93
C LEU B 50 26.15 -33.06 -6.47
N ILE B 51 26.77 -32.94 -5.31
CA ILE B 51 27.41 -34.09 -4.68
C ILE B 51 26.78 -34.45 -3.35
N TYR B 52 26.03 -33.54 -2.72
CA TYR B 52 25.31 -33.88 -1.49
C TYR B 52 23.98 -33.17 -1.47
N VAL B 53 22.94 -33.91 -1.09
CA VAL B 53 21.63 -33.34 -0.80
C VAL B 53 21.09 -34.02 0.45
N ASN B 54 20.28 -33.30 1.22
CA ASN B 54 19.71 -33.85 2.44
C ASN B 54 18.25 -34.21 2.23
N PRO B 55 17.66 -35.03 3.12
CA PRO B 55 16.25 -35.41 2.93
C PRO B 55 15.31 -34.22 2.83
N ALA B 56 15.65 -33.10 3.47
CA ALA B 56 14.83 -31.90 3.30
C ALA B 56 14.78 -31.48 1.84
N PHE B 57 15.92 -31.52 1.14
CA PHE B 57 15.94 -31.15 -0.28
C PHE B 57 15.16 -32.15 -1.12
N GLU B 58 15.26 -33.44 -0.81
CA GLU B 58 14.46 -34.43 -1.54
C GLU B 58 12.98 -34.19 -1.34
N ARG B 59 12.57 -33.79 -0.13
CA ARG B 59 11.16 -33.44 0.09
C ARG B 59 10.77 -32.24 -0.75
N LEU B 60 11.55 -31.16 -0.63
CA LEU B 60 11.19 -29.91 -1.29
C LEU B 60 11.12 -30.07 -2.80
N THR B 61 12.05 -30.85 -3.36
CA THR B 61 12.15 -31.00 -4.81
C THR B 61 11.35 -32.19 -5.35
N GLY B 62 10.99 -33.13 -4.49
CA GLY B 62 10.33 -34.33 -4.98
C GLY B 62 11.21 -35.20 -5.84
N TYR B 63 12.52 -35.03 -5.74
CA TYR B 63 13.47 -35.82 -6.50
C TYR B 63 14.26 -36.71 -5.56
N CYS B 64 14.65 -37.88 -6.05
CA CYS B 64 15.46 -38.82 -5.30
C CYS B 64 16.94 -38.56 -5.59
N ALA B 65 17.75 -38.57 -4.53
CA ALA B 65 19.17 -38.27 -4.68
C ALA B 65 19.82 -39.22 -5.67
N ASP B 66 19.51 -40.51 -5.59
CA ASP B 66 20.07 -41.47 -6.52
C ASP B 66 19.78 -41.10 -7.96
N ASP B 67 18.64 -40.45 -8.21
CA ASP B 67 18.30 -40.03 -9.56
C ASP B 67 19.07 -38.78 -10.00
N ILE B 68 19.20 -37.79 -9.10
CA ILE B 68 19.66 -36.47 -9.50
C ILE B 68 21.10 -36.17 -9.10
N LEU B 69 21.78 -37.11 -8.45
CA LEU B 69 23.13 -36.81 -7.99
C LEU B 69 24.09 -36.64 -9.17
N TYR B 70 25.08 -35.79 -8.96
CA TYR B 70 26.13 -35.54 -9.95
C TYR B 70 25.54 -34.95 -11.23
N GLN B 71 24.65 -33.97 -11.04
CA GLN B 71 24.12 -33.15 -12.10
C GLN B 71 23.98 -31.74 -11.57
N ASP B 72 23.80 -30.78 -12.47
CA ASP B 72 23.50 -29.41 -12.08
C ASP B 72 22.00 -29.27 -11.86
N CYS B 73 21.63 -28.44 -10.88
CA CYS B 73 20.24 -28.31 -10.46
C CYS B 73 19.46 -27.29 -11.29
N ARG B 74 19.98 -26.88 -12.44
CA ARG B 74 19.22 -25.94 -13.27
C ARG B 74 17.91 -26.56 -13.70
N PHE B 75 17.82 -27.89 -13.71
CA PHE B 75 16.58 -28.55 -14.13
C PHE B 75 15.43 -28.22 -13.20
N LEU B 76 15.70 -27.58 -12.07
CA LEU B 76 14.60 -27.09 -11.24
C LEU B 76 13.89 -25.91 -11.87
N GLN B 77 14.59 -25.10 -12.66
CA GLN B 77 13.93 -24.05 -13.44
C GLN B 77 13.15 -24.64 -14.61
N GLY B 78 13.76 -25.55 -15.36
CA GLY B 78 13.07 -26.17 -16.48
C GLY B 78 12.92 -25.27 -17.68
N GLU B 79 11.67 -25.08 -18.13
CA GLU B 79 11.38 -24.21 -19.26
C GLU B 79 11.25 -22.75 -18.85
N ASP B 80 11.41 -22.45 -17.57
CA ASP B 80 11.41 -21.06 -17.08
C ASP B 80 12.84 -20.52 -17.14
N HIS B 81 13.44 -20.62 -18.33
CA HIS B 81 14.86 -20.36 -18.49
C HIS B 81 15.20 -18.94 -18.08
N ASP B 82 14.50 -17.95 -18.63
CA ASP B 82 14.88 -16.55 -18.52
C ASP B 82 14.29 -15.98 -17.24
N GLN B 83 15.12 -15.88 -16.21
CA GLN B 83 14.81 -15.20 -14.95
C GLN B 83 16.07 -14.48 -14.48
N PRO B 84 15.92 -13.37 -13.74
CA PRO B 84 17.11 -12.63 -13.29
C PRO B 84 17.93 -13.40 -12.27
N GLY B 85 17.32 -14.34 -11.55
CA GLY B 85 18.07 -15.19 -10.67
C GLY B 85 19.20 -15.91 -11.37
N ARG B 86 18.95 -16.41 -12.59
CA ARG B 86 19.99 -17.12 -13.32
C ARG B 86 21.19 -16.22 -13.61
N ALA B 87 20.93 -15.00 -14.06
CA ALA B 87 22.04 -14.09 -14.36
C ALA B 87 22.83 -13.76 -13.10
N ILE B 88 22.12 -13.44 -12.01
CA ILE B 88 22.78 -13.08 -10.77
C ILE B 88 23.62 -14.24 -10.25
N ILE B 89 23.05 -15.45 -10.28
CA ILE B 89 23.73 -16.62 -9.75
C ILE B 89 25.00 -16.95 -10.54
N ARG B 90 24.91 -16.98 -11.89
CA ARG B 90 26.10 -17.31 -12.68
C ARG B 90 27.18 -16.28 -12.46
N GLU B 91 26.83 -14.99 -12.47
CA GLU B 91 27.89 -14.00 -12.29
C GLU B 91 28.48 -14.10 -10.89
N ALA B 92 27.67 -14.44 -9.88
CA ALA B 92 28.23 -14.64 -8.55
C ALA B 92 29.11 -15.89 -8.50
N ILE B 93 28.73 -16.95 -9.21
CA ILE B 93 29.54 -18.16 -9.26
C ILE B 93 30.85 -17.89 -9.98
N ARG B 94 30.78 -17.23 -11.15
CA ARG B 94 31.99 -16.89 -11.88
C ARG B 94 32.90 -16.01 -11.04
N GLU B 95 32.34 -15.01 -10.39
CA GLU B 95 33.12 -14.07 -9.60
C GLU B 95 33.74 -14.72 -8.36
N GLY B 96 33.23 -15.88 -7.94
CA GLY B 96 33.74 -16.53 -6.75
C GLY B 96 33.31 -15.78 -5.50
N ARG B 97 32.01 -15.58 -5.36
CA ARG B 97 31.46 -14.73 -4.33
C ARG B 97 30.07 -15.24 -3.93
N PRO B 98 29.71 -15.18 -2.65
CA PRO B 98 28.40 -15.69 -2.22
C PRO B 98 27.24 -14.91 -2.81
N CYS B 99 26.07 -15.52 -2.75
CA CYS B 99 24.88 -14.92 -3.35
C CYS B 99 23.63 -15.47 -2.67
N CYS B 100 22.68 -14.58 -2.36
CA CYS B 100 21.37 -15.00 -1.89
C CYS B 100 20.33 -14.48 -2.86
N GLN B 101 19.45 -15.37 -3.32
CA GLN B 101 18.44 -15.04 -4.32
C GLN B 101 17.16 -15.80 -4.01
N VAL B 102 16.14 -15.56 -4.82
CA VAL B 102 14.88 -16.30 -4.77
C VAL B 102 14.52 -16.70 -6.19
N LEU B 103 14.07 -17.94 -6.37
CA LEU B 103 13.78 -18.46 -7.70
C LEU B 103 12.46 -19.21 -7.73
N ARG B 104 11.92 -19.37 -8.94
CA ARG B 104 10.73 -20.16 -9.20
C ARG B 104 11.18 -21.50 -9.77
N ASN B 105 11.01 -22.56 -8.99
CA ASN B 105 11.45 -23.88 -9.42
C ASN B 105 10.26 -24.84 -9.46
N TYR B 106 10.37 -25.87 -10.27
CA TYR B 106 9.30 -26.84 -10.46
C TYR B 106 9.74 -28.20 -9.96
N ARG B 107 8.83 -28.89 -9.27
CA ARG B 107 9.13 -30.18 -8.67
C ARG B 107 9.11 -31.29 -9.72
N LYS B 108 9.14 -32.54 -9.26
CA LYS B 108 9.07 -33.67 -10.18
C LYS B 108 7.73 -33.69 -10.91
N ASP B 109 6.64 -33.44 -10.20
CA ASP B 109 5.32 -33.47 -10.80
C ASP B 109 4.98 -32.21 -11.58
N GLY B 110 5.95 -31.32 -11.78
CA GLY B 110 5.74 -30.09 -12.52
C GLY B 110 5.22 -28.93 -11.70
N SER B 111 4.81 -29.17 -10.45
CA SER B 111 4.26 -28.12 -9.61
C SER B 111 5.30 -27.05 -9.29
N LEU B 112 4.84 -25.81 -9.21
CA LEU B 112 5.72 -24.66 -8.99
C LEU B 112 5.90 -24.42 -7.50
N PHE B 113 7.06 -23.85 -7.14
CA PHE B 113 7.30 -23.40 -5.78
C PHE B 113 8.35 -22.30 -5.76
N TRP B 114 8.28 -21.50 -4.70
CA TRP B 114 9.19 -20.38 -4.47
C TRP B 114 10.33 -20.86 -3.57
N ASN B 115 11.57 -20.63 -3.98
CA ASN B 115 12.75 -21.17 -3.30
C ASN B 115 13.71 -20.04 -2.96
N GLU B 116 13.86 -19.76 -1.67
CA GLU B 116 14.91 -18.85 -1.20
C GLU B 116 16.22 -19.62 -1.10
N LEU B 117 17.20 -19.23 -1.90
CA LEU B 117 18.43 -20.00 -2.09
C LEU B 117 19.63 -19.13 -1.74
N SER B 118 20.49 -19.64 -0.86
CA SER B 118 21.77 -19.00 -0.56
C SER B 118 22.89 -19.94 -0.95
N ILE B 119 23.78 -19.45 -1.83
CA ILE B 119 24.96 -20.18 -2.27
C ILE B 119 26.18 -19.50 -1.68
N THR B 120 27.06 -20.30 -1.10
CA THR B 120 28.37 -19.83 -0.67
C THR B 120 29.44 -20.67 -1.36
N PRO B 121 30.24 -20.09 -2.26
CA PRO B 121 31.37 -20.82 -2.81
C PRO B 121 32.59 -20.75 -1.89
N VAL B 122 33.25 -21.89 -1.73
CA VAL B 122 34.46 -22.00 -0.93
C VAL B 122 35.50 -22.76 -1.74
N HIS B 123 36.74 -22.29 -1.68
CA HIS B 123 37.85 -22.97 -2.35
C HIS B 123 38.55 -23.83 -1.31
N ASN B 124 38.49 -25.14 -1.49
CA ASN B 124 39.19 -26.06 -0.60
C ASN B 124 40.58 -26.32 -1.20
N GLU B 125 41.60 -25.89 -0.47
CA GLU B 125 42.98 -25.94 -0.95
C GLU B 125 43.44 -27.37 -1.14
N ALA B 126 43.13 -28.25 -0.18
CA ALA B 126 43.68 -29.60 -0.19
C ALA B 126 43.26 -30.36 -1.44
N ASP B 127 42.00 -30.24 -1.83
CA ASP B 127 41.53 -30.85 -3.07
C ASP B 127 41.71 -29.92 -4.26
N GLN B 128 42.18 -28.70 -4.03
CA GLN B 128 42.33 -27.68 -5.07
C GLN B 128 41.08 -27.58 -5.93
N LEU B 129 39.97 -27.26 -5.27
CA LEU B 129 38.71 -27.29 -5.99
C LEU B 129 37.80 -26.20 -5.45
N THR B 130 36.74 -25.92 -6.19
CA THR B 130 35.70 -24.99 -5.76
C THR B 130 34.46 -25.80 -5.44
N TYR B 131 33.97 -25.66 -4.23
CA TYR B 131 32.72 -26.27 -3.82
C TYR B 131 31.74 -25.17 -3.50
N TYR B 132 30.48 -25.55 -3.40
CA TYR B 132 29.41 -24.63 -3.09
C TYR B 132 28.52 -25.28 -2.04
N ILE B 133 28.05 -24.48 -1.10
CA ILE B 133 27.08 -24.92 -0.13
C ILE B 133 25.82 -24.10 -0.32
N GLY B 134 24.70 -24.78 -0.52
CA GLY B 134 23.45 -24.10 -0.78
C GLY B 134 22.45 -24.43 0.30
N ILE B 135 21.97 -23.38 0.98
CA ILE B 135 20.90 -23.51 1.96
C ILE B 135 19.65 -22.91 1.33
N GLN B 136 18.56 -23.67 1.34
CA GLN B 136 17.37 -23.37 0.56
C GLN B 136 16.10 -23.63 1.36
N ARG B 137 15.17 -22.66 1.34
CA ARG B 137 13.89 -22.76 2.02
C ARG B 137 12.74 -22.59 1.03
N ASP B 138 11.58 -23.14 1.40
CA ASP B 138 10.36 -23.02 0.60
C ASP B 138 9.61 -21.76 1.05
N VAL B 139 9.65 -20.71 0.22
CA VAL B 139 9.11 -19.40 0.57
C VAL B 139 7.85 -19.17 -0.26
N THR B 140 7.14 -20.26 -0.50
CA THR B 140 5.99 -20.26 -1.38
C THR B 140 4.88 -19.37 -0.82
N GLU B 141 4.48 -19.60 0.42
CA GLU B 141 3.36 -18.87 1.00
C GLU B 141 3.65 -17.38 1.15
N HIS B 142 4.86 -17.03 1.59
CA HIS B 142 5.18 -15.62 1.79
C HIS B 142 5.13 -14.84 0.49
N GLN B 143 5.66 -15.41 -0.60
CA GLN B 143 5.59 -14.73 -1.89
C GLN B 143 4.15 -14.60 -2.36
N GLN B 144 3.33 -15.64 -2.12
CA GLN B 144 1.89 -15.54 -2.43
C GLN B 144 1.26 -14.36 -1.73
N THR B 145 1.44 -14.28 -0.42
CA THR B 145 0.82 -13.21 0.36
C THR B 145 1.35 -11.85 -0.09
N GLN B 146 2.63 -11.79 -0.46
CA GLN B 146 3.20 -10.51 -0.92
C GLN B 146 2.56 -10.05 -2.21
N ALA B 147 2.41 -10.96 -3.18
CA ALA B 147 1.77 -10.58 -4.44
C ALA B 147 0.30 -10.21 -4.23
N ARG B 148 -0.39 -10.97 -3.38
CA ARG B 148 -1.79 -10.67 -3.09
C ARG B 148 -1.94 -9.30 -2.45
N LEU B 149 -1.08 -8.96 -1.49
CA LEU B 149 -1.13 -7.64 -0.89
C LEU B 149 -0.77 -6.54 -1.88
N GLN B 150 0.16 -6.82 -2.79
CA GLN B 150 0.53 -5.82 -3.79
C GLN B 150 -0.64 -5.50 -4.72
N GLU B 151 -1.42 -6.52 -5.12
CA GLU B 151 -2.61 -6.24 -5.93
C GLU B 151 -3.66 -5.45 -5.14
N LEU B 152 -3.93 -5.86 -3.88
CA LEU B 152 -4.97 -5.23 -3.08
C LEU B 152 -4.65 -3.77 -2.82
N GLN B 153 -3.38 -3.43 -2.59
CA GLN B 153 -3.05 -2.04 -2.30
C GLN B 153 -3.39 -1.15 -3.49
N SER B 154 -3.07 -1.59 -4.71
CA SER B 154 -3.44 -0.80 -5.88
C SER B 154 -4.96 -0.68 -6.00
N GLU B 155 -5.67 -1.80 -5.79
CA GLU B 155 -7.13 -1.74 -5.90
C GLU B 155 -7.71 -0.83 -4.81
N LEU B 156 -7.14 -0.87 -3.61
CA LEU B 156 -7.63 -0.03 -2.51
C LEU B 156 -7.31 1.43 -2.77
N VAL B 157 -6.16 1.73 -3.39
CA VAL B 157 -5.84 3.11 -3.74
C VAL B 157 -6.88 3.66 -4.70
N HIS B 158 -7.18 2.91 -5.76
CA HIS B 158 -8.13 3.41 -6.75
C HIS B 158 -9.51 3.59 -6.12
N VAL B 159 -9.98 2.60 -5.35
CA VAL B 159 -11.33 2.67 -4.82
C VAL B 159 -11.45 3.71 -3.70
N SER B 160 -10.40 3.91 -2.90
CA SER B 160 -10.48 4.94 -1.85
C SER B 160 -10.51 6.33 -2.47
N ARG B 161 -9.69 6.55 -3.51
CA ARG B 161 -9.74 7.83 -4.21
C ARG B 161 -11.13 8.07 -4.81
N LEU B 162 -11.68 7.03 -5.42
CA LEU B 162 -13.02 7.14 -6.01
C LEU B 162 -14.09 7.43 -4.96
N SER B 163 -14.05 6.71 -3.83
CA SER B 163 -15.07 6.92 -2.80
C SER B 163 -14.92 8.28 -2.13
N ALA B 164 -13.69 8.76 -1.97
CA ALA B 164 -13.49 10.11 -1.46
C ALA B 164 -14.15 11.13 -2.38
N MET B 165 -13.87 11.05 -3.68
CA MET B 165 -14.51 11.96 -4.62
C MET B 165 -16.03 11.84 -4.58
N GLY B 166 -16.54 10.61 -4.49
CA GLY B 166 -17.97 10.41 -4.53
C GLY B 166 -18.69 11.00 -3.33
N GLU B 167 -18.18 10.73 -2.12
CA GLU B 167 -18.81 11.32 -0.95
C GLU B 167 -18.60 12.82 -0.90
N MET B 168 -17.49 13.32 -1.44
CA MET B 168 -17.31 14.75 -1.60
C MET B 168 -18.43 15.36 -2.42
N ALA B 169 -18.70 14.76 -3.59
CA ALA B 169 -19.77 15.27 -4.45
C ALA B 169 -21.12 15.18 -3.76
N SER B 170 -21.39 14.06 -3.08
CA SER B 170 -22.69 13.88 -2.42
C SER B 170 -22.90 14.93 -1.33
N ALA B 171 -21.90 15.12 -0.47
CA ALA B 171 -22.04 16.08 0.62
C ALA B 171 -22.15 17.51 0.09
N LEU B 172 -21.33 17.86 -0.91
CA LEU B 172 -21.41 19.20 -1.48
C LEU B 172 -22.77 19.44 -2.11
N ALA B 173 -23.30 18.45 -2.82
CA ALA B 173 -24.64 18.56 -3.40
C ALA B 173 -25.69 18.74 -2.33
N HIS B 174 -25.62 17.96 -1.25
CA HIS B 174 -26.61 18.07 -0.20
C HIS B 174 -26.57 19.45 0.46
N GLU B 175 -25.37 19.98 0.69
CA GLU B 175 -25.26 21.30 1.32
C GLU B 175 -25.76 22.39 0.39
N LEU B 176 -25.51 22.27 -0.92
CA LEU B 176 -25.94 23.30 -1.86
C LEU B 176 -27.41 23.18 -2.25
N ASN B 177 -28.04 22.04 -1.99
CA ASN B 177 -29.39 21.81 -2.50
C ASN B 177 -30.38 22.83 -1.94
N GLN B 178 -30.33 23.06 -0.62
CA GLN B 178 -31.29 23.97 0.01
C GLN B 178 -31.21 25.39 -0.55
N PRO B 179 -30.04 26.03 -0.67
CA PRO B 179 -30.02 27.39 -1.24
C PRO B 179 -30.57 27.46 -2.67
N LEU B 180 -30.24 26.49 -3.53
CA LEU B 180 -30.70 26.57 -4.91
C LEU B 180 -32.21 26.36 -5.01
N ALA B 181 -32.76 25.49 -4.17
CA ALA B 181 -34.21 25.31 -4.13
C ALA B 181 -34.89 26.56 -3.57
N ALA B 182 -34.29 27.18 -2.55
CA ALA B 182 -34.83 28.44 -2.04
C ALA B 182 -34.84 29.50 -3.13
N ILE B 183 -33.76 29.57 -3.91
CA ILE B 183 -33.71 30.55 -5.00
C ILE B 183 -34.80 30.28 -6.03
N SER B 184 -34.97 29.01 -6.41
CA SER B 184 -36.01 28.67 -7.38
C SER B 184 -37.40 29.03 -6.84
N ASN B 185 -37.65 28.75 -5.57
CA ASN B 185 -38.95 29.08 -4.98
C ASN B 185 -39.15 30.59 -4.93
N TYR B 186 -38.10 31.35 -4.63
CA TYR B 186 -38.20 32.80 -4.63
C TYR B 186 -38.55 33.32 -6.01
N MET B 187 -37.93 32.77 -7.05
CA MET B 187 -38.28 33.19 -8.40
C MET B 187 -39.73 32.86 -8.72
N LYS B 188 -40.17 31.64 -8.35
CA LYS B 188 -41.56 31.26 -8.62
C LYS B 188 -42.54 32.21 -7.95
N GLY B 189 -42.30 32.51 -6.67
CA GLY B 189 -43.18 33.40 -5.95
C GLY B 189 -43.14 34.82 -6.50
N SER B 190 -41.97 35.29 -6.90
CA SER B 190 -41.87 36.63 -7.47
C SER B 190 -42.64 36.72 -8.78
N ARG B 191 -42.56 35.68 -9.61
CA ARG B 191 -43.36 35.69 -10.83
C ARG B 191 -44.85 35.68 -10.50
N ARG B 192 -45.24 34.92 -9.47
CA ARG B 192 -46.64 34.93 -9.05
C ARG B 192 -47.07 36.34 -8.63
N LEU B 193 -46.21 37.06 -7.92
CA LEU B 193 -46.53 38.43 -7.52
C LEU B 193 -46.61 39.36 -8.73
N LEU B 194 -45.71 39.19 -9.68
CA LEU B 194 -45.68 40.11 -10.81
C LEU B 194 -46.72 39.76 -11.87
N ALA B 195 -47.27 38.55 -11.84
CA ALA B 195 -48.36 38.22 -12.74
C ALA B 195 -49.49 39.20 -12.51
N GLY B 196 -49.98 39.79 -13.60
CA GLY B 196 -51.04 40.78 -13.44
C GLY B 196 -50.49 42.06 -12.85
N SER B 197 -49.59 42.70 -13.60
CA SER B 197 -48.98 43.95 -13.22
C SER B 197 -48.87 44.83 -14.46
N SER B 198 -48.86 46.14 -14.26
CA SER B 198 -48.87 47.08 -15.37
C SER B 198 -47.60 47.91 -15.49
N ASP B 199 -46.65 47.76 -14.58
CA ASP B 199 -45.40 48.49 -14.72
C ASP B 199 -44.72 48.10 -16.03
N PRO B 200 -44.28 49.07 -16.84
CA PRO B 200 -43.61 48.70 -18.10
C PRO B 200 -42.38 47.84 -17.92
N ASN B 201 -41.68 47.95 -16.79
CA ASN B 201 -40.51 47.11 -16.58
C ASN B 201 -40.87 45.68 -16.22
N THR B 202 -42.15 45.40 -15.93
CA THR B 202 -42.53 44.06 -15.51
C THR B 202 -42.14 42.98 -16.49
N PRO B 203 -42.35 43.12 -17.82
CA PRO B 203 -41.85 42.07 -18.72
C PRO B 203 -40.35 41.85 -18.65
N LYS B 204 -39.56 42.92 -18.55
CA LYS B 204 -38.12 42.71 -18.44
C LYS B 204 -37.76 42.02 -17.13
N VAL B 205 -38.42 42.41 -16.04
CA VAL B 205 -38.17 41.74 -14.76
C VAL B 205 -38.51 40.27 -14.85
N GLU B 206 -39.64 39.95 -15.48
CA GLU B 206 -40.05 38.56 -15.63
C GLU B 206 -39.03 37.77 -16.44
N SER B 207 -38.52 38.36 -17.53
CA SER B 207 -37.49 37.68 -18.31
C SER B 207 -36.24 37.43 -17.49
N ALA B 208 -35.80 38.44 -16.74
CA ALA B 208 -34.61 38.29 -15.92
C ALA B 208 -34.80 37.19 -14.89
N LEU B 209 -35.96 37.16 -14.25
CA LEU B 209 -36.21 36.16 -13.23
C LEU B 209 -36.30 34.76 -13.85
N ASP B 210 -36.90 34.66 -15.03
CA ASP B 210 -36.92 33.38 -15.74
C ASP B 210 -35.51 32.88 -16.00
N ARG B 211 -34.64 33.77 -16.48
CA ARG B 211 -33.27 33.36 -16.76
C ARG B 211 -32.52 32.99 -15.48
N ALA B 212 -32.80 33.68 -14.39
CA ALA B 212 -32.19 33.30 -13.11
C ALA B 212 -32.63 31.90 -12.68
N ALA B 213 -33.92 31.60 -12.82
CA ALA B 213 -34.41 30.28 -12.44
C ALA B 213 -33.77 29.19 -13.31
N GLU B 214 -33.64 29.47 -14.61
CA GLU B 214 -32.97 28.49 -15.48
C GLU B 214 -31.50 28.32 -15.10
N GLN B 215 -30.84 29.40 -14.64
CA GLN B 215 -29.46 29.27 -14.19
C GLN B 215 -29.37 28.36 -12.96
N ALA B 216 -30.30 28.51 -12.02
CA ALA B 216 -30.32 27.62 -10.86
C ALA B 216 -30.54 26.17 -11.29
N LEU B 217 -31.47 25.96 -12.22
CA LEU B 217 -31.70 24.63 -12.76
C LEU B 217 -30.41 24.05 -13.36
N ARG B 218 -29.68 24.86 -14.14
CA ARG B 218 -28.46 24.38 -14.76
C ARG B 218 -27.38 24.10 -13.73
N ALA B 219 -27.35 24.85 -12.64
CA ALA B 219 -26.41 24.55 -11.55
C ALA B 219 -26.70 23.18 -10.96
N GLY B 220 -27.98 22.89 -10.72
CA GLY B 220 -28.33 21.53 -10.28
C GLY B 220 -27.91 20.48 -11.30
N GLN B 221 -28.07 20.80 -12.59
CA GLN B 221 -27.65 19.88 -13.65
C GLN B 221 -26.15 19.62 -13.61
N ILE B 222 -25.35 20.66 -13.37
CA ILE B 222 -23.89 20.50 -13.30
C ILE B 222 -23.51 19.65 -12.08
N ILE B 223 -24.18 19.90 -10.95
CA ILE B 223 -23.94 19.08 -9.75
C ILE B 223 -24.18 17.61 -10.06
N ARG B 224 -25.32 17.30 -10.68
CA ARG B 224 -25.61 15.90 -10.98
C ARG B 224 -24.66 15.36 -12.05
N ARG B 225 -24.18 16.22 -12.95
CA ARG B 225 -23.17 15.81 -13.92
C ARG B 225 -21.93 15.28 -13.21
N LEU B 226 -21.41 16.04 -12.24
CA LEU B 226 -20.23 15.57 -11.51
C LEU B 226 -20.54 14.33 -10.69
N ARG B 227 -21.67 14.32 -9.99
CA ARG B 227 -22.03 13.18 -9.14
C ARG B 227 -22.13 11.89 -9.96
N ASP B 228 -22.72 11.95 -11.14
CA ASP B 228 -22.85 10.77 -11.97
C ASP B 228 -21.59 10.46 -12.78
N PHE B 229 -20.71 11.45 -12.99
CA PHE B 229 -19.45 11.20 -13.70
C PHE B 229 -18.43 10.51 -12.82
N VAL B 230 -18.40 10.82 -11.53
CA VAL B 230 -17.41 10.18 -10.66
C VAL B 230 -17.95 8.88 -10.06
N ALA B 231 -19.23 8.86 -9.69
CA ALA B 231 -19.81 7.68 -9.04
C ALA B 231 -20.13 6.56 -10.02
N ARG B 232 -19.66 6.64 -11.27
CA ARG B 232 -19.84 5.53 -12.18
C ARG B 232 -18.98 4.36 -11.73
N GLY B 233 -19.60 3.19 -11.63
CA GLY B 233 -18.89 2.02 -11.15
C GLY B 233 -19.80 0.85 -10.90
N GLU B 234 -19.27 -0.36 -11.02
CA GLU B 234 -20.08 -1.55 -10.80
C GLU B 234 -20.38 -1.72 -9.32
N SER B 235 -21.66 -1.72 -8.97
CA SER B 235 -22.14 -1.95 -7.61
C SER B 235 -22.56 -3.40 -7.41
N GLU B 236 -21.78 -4.33 -7.95
CA GLU B 236 -22.12 -5.74 -7.93
C GLU B 236 -22.18 -6.26 -6.51
N LYS B 237 -22.88 -7.37 -6.32
CA LYS B 237 -22.97 -8.03 -5.03
C LYS B 237 -22.85 -9.53 -5.25
N ARG B 238 -21.93 -10.17 -4.54
CA ARG B 238 -21.74 -11.61 -4.68
C ARG B 238 -21.56 -12.24 -3.32
N VAL B 239 -21.68 -13.57 -3.30
CA VAL B 239 -21.42 -14.37 -2.11
C VAL B 239 -19.94 -14.30 -1.77
N GLU B 240 -19.64 -13.88 -0.54
CA GLU B 240 -18.28 -13.64 -0.10
C GLU B 240 -18.12 -14.25 1.27
N SER B 241 -16.94 -14.83 1.51
CA SER B 241 -16.62 -15.40 2.81
C SER B 241 -16.10 -14.29 3.71
N LEU B 242 -16.68 -14.18 4.90
CA LEU B 242 -16.23 -13.15 5.83
C LEU B 242 -14.83 -13.43 6.34
N SER B 243 -14.51 -14.69 6.61
CA SER B 243 -13.14 -15.04 7.00
C SER B 243 -12.12 -14.54 5.99
N LYS B 244 -12.35 -14.82 4.70
CA LYS B 244 -11.42 -14.40 3.64
C LYS B 244 -11.29 -12.88 3.54
N LEU B 245 -12.42 -12.17 3.48
CA LEU B 245 -12.30 -10.72 3.30
C LEU B 245 -11.79 -10.04 4.58
N ILE B 246 -12.02 -10.67 5.74
CA ILE B 246 -11.45 -10.17 6.98
C ILE B 246 -9.94 -10.36 6.96
N GLU B 247 -9.46 -11.47 6.39
CA GLU B 247 -8.02 -11.67 6.34
C GLU B 247 -7.37 -10.70 5.35
N GLU B 248 -7.97 -10.49 4.19
CA GLU B 248 -7.42 -9.51 3.26
C GLU B 248 -7.39 -8.10 3.87
N ALA B 249 -8.49 -7.71 4.54
CA ALA B 249 -8.51 -6.39 5.16
C ALA B 249 -7.53 -6.30 6.31
N GLY B 250 -7.36 -7.38 7.08
CA GLY B 250 -6.41 -7.34 8.18
C GLY B 250 -4.99 -7.22 7.66
N ALA B 251 -4.68 -7.99 6.60
CA ALA B 251 -3.37 -7.92 5.96
C ALA B 251 -3.04 -6.51 5.56
N LEU B 252 -4.03 -5.76 5.10
CA LEU B 252 -3.71 -4.38 4.73
C LEU B 252 -3.69 -3.47 5.96
N GLY B 253 -4.77 -3.47 6.75
CA GLY B 253 -4.94 -2.46 7.78
C GLY B 253 -4.22 -2.76 9.07
N LEU B 254 -3.98 -4.04 9.37
CA LEU B 254 -3.41 -4.47 10.64
C LEU B 254 -1.95 -4.88 10.50
N ALA B 255 -1.23 -4.28 9.55
CA ALA B 255 0.18 -4.59 9.38
C ALA B 255 0.98 -4.25 10.63
N GLY B 256 0.76 -3.06 11.20
CA GLY B 256 1.48 -2.62 12.37
C GLY B 256 1.02 -3.17 13.69
N ALA B 257 0.01 -4.05 13.68
CA ALA B 257 -0.48 -4.66 14.92
C ALA B 257 0.60 -5.49 15.58
N ARG B 258 1.39 -6.20 14.78
CA ARG B 258 2.45 -7.07 15.29
C ARG B 258 3.47 -6.28 16.10
N GLU B 259 3.97 -5.18 15.55
CA GLU B 259 5.01 -4.39 16.21
C GLU B 259 4.48 -3.57 17.37
N GLN B 260 3.20 -3.18 17.34
CA GLN B 260 2.63 -2.45 18.47
C GLN B 260 2.18 -3.37 19.59
N ASN B 261 2.44 -4.67 19.46
CA ASN B 261 2.00 -5.68 20.43
C ASN B 261 0.50 -5.55 20.71
N VAL B 262 -0.26 -5.34 19.64
CA VAL B 262 -1.72 -5.30 19.73
C VAL B 262 -2.22 -6.73 19.57
N GLN B 263 -3.08 -7.17 20.49
CA GLN B 263 -3.61 -8.52 20.46
C GLN B 263 -4.80 -8.58 19.52
N LEU B 264 -4.66 -9.34 18.44
CA LEU B 264 -5.71 -9.49 17.44
C LEU B 264 -6.49 -10.75 17.74
N ARG B 265 -7.82 -10.66 17.66
CA ARG B 265 -8.65 -11.84 17.87
C ARG B 265 -9.76 -11.83 16.82
N PHE B 266 -9.78 -12.81 15.92
CA PHE B 266 -10.86 -13.01 14.96
C PHE B 266 -11.72 -14.21 15.39
N SER B 267 -12.87 -13.93 15.99
CA SER B 267 -13.84 -14.95 16.40
C SER B 267 -14.89 -15.04 15.31
N LEU B 268 -14.64 -15.96 14.37
CA LEU B 268 -15.49 -16.14 13.20
C LEU B 268 -16.28 -17.44 13.33
N ASP B 269 -17.51 -17.42 12.80
CA ASP B 269 -18.41 -18.57 12.86
C ASP B 269 -18.66 -19.07 11.45
N PRO B 270 -18.25 -20.31 11.13
CA PRO B 270 -18.43 -20.80 9.75
C PRO B 270 -19.88 -20.93 9.31
N GLY B 271 -20.83 -21.02 10.25
CA GLY B 271 -22.22 -21.09 9.84
C GLY B 271 -22.83 -19.75 9.47
N ALA B 272 -22.14 -18.67 9.82
CA ALA B 272 -22.56 -17.29 9.60
C ALA B 272 -21.46 -16.56 8.86
N ASP B 273 -20.87 -17.22 7.87
CA ASP B 273 -19.65 -16.73 7.23
C ASP B 273 -19.86 -16.19 5.83
N LEU B 274 -20.90 -16.65 5.12
CA LEU B 274 -21.14 -16.22 3.74
C LEU B 274 -22.15 -15.09 3.73
N VAL B 275 -21.77 -13.96 3.13
CA VAL B 275 -22.67 -12.83 2.99
C VAL B 275 -22.76 -12.40 1.53
N LEU B 276 -23.81 -11.64 1.19
CA LEU B 276 -23.95 -10.98 -0.11
C LEU B 276 -23.38 -9.56 -0.02
N ALA B 277 -22.25 -9.32 -0.68
CA ALA B 277 -21.60 -8.01 -0.57
C ALA B 277 -20.72 -7.75 -1.78
N ASP B 278 -20.38 -6.47 -1.96
CA ASP B 278 -19.34 -6.02 -2.88
C ASP B 278 -18.01 -6.01 -2.11
N ARG B 279 -17.11 -6.93 -2.47
CA ARG B 279 -15.96 -7.21 -1.62
C ARG B 279 -15.00 -6.01 -1.50
N VAL B 280 -14.81 -5.24 -2.57
CA VAL B 280 -13.89 -4.10 -2.48
C VAL B 280 -14.41 -2.99 -1.55
N GLN B 281 -15.73 -2.77 -1.52
CA GLN B 281 -16.26 -1.72 -0.63
C GLN B 281 -16.19 -2.12 0.84
N ILE B 282 -16.49 -3.37 1.14
CA ILE B 282 -16.36 -3.86 2.52
C ILE B 282 -14.89 -3.91 2.91
N GLN B 283 -14.02 -4.33 1.99
CA GLN B 283 -12.58 -4.20 2.23
C GLN B 283 -12.20 -2.78 2.67
N GLN B 284 -12.69 -1.75 1.97
CA GLN B 284 -12.20 -0.42 2.33
C GLN B 284 -12.82 0.08 3.63
N VAL B 285 -14.07 -0.31 3.93
CA VAL B 285 -14.66 0.02 5.24
C VAL B 285 -13.86 -0.63 6.36
N LEU B 286 -13.49 -1.90 6.20
CA LEU B 286 -12.77 -2.58 7.26
C LEU B 286 -11.36 -2.03 7.42
N VAL B 287 -10.67 -1.78 6.31
CA VAL B 287 -9.36 -1.13 6.38
C VAL B 287 -9.43 0.15 7.19
N ASN B 288 -10.43 0.99 6.91
CA ASN B 288 -10.62 2.22 7.69
C ASN B 288 -10.90 1.95 9.16
N LEU B 289 -11.73 0.94 9.46
CA LEU B 289 -11.99 0.60 10.86
C LEU B 289 -10.72 0.12 11.57
N PHE B 290 -9.91 -0.70 10.90
CA PHE B 290 -8.69 -1.19 11.51
C PHE B 290 -7.72 -0.05 11.78
N ARG B 291 -7.59 0.87 10.82
CA ARG B 291 -6.73 2.03 11.03
C ARG B 291 -7.22 2.88 12.19
N ASN B 292 -8.54 3.11 12.25
CA ASN B 292 -9.09 3.90 13.34
C ASN B 292 -8.87 3.23 14.69
N ALA B 293 -9.03 1.90 14.74
CA ALA B 293 -8.86 1.19 16.00
C ALA B 293 -7.40 1.20 16.44
N LEU B 294 -6.47 1.01 15.49
CA LEU B 294 -5.05 1.05 15.83
C LEU B 294 -4.65 2.44 16.30
N GLU B 295 -5.20 3.47 15.66
CA GLU B 295 -4.88 4.84 16.04
C GLU B 295 -5.41 5.18 17.43
N ALA B 296 -6.63 4.72 17.76
CA ALA B 296 -7.18 4.99 19.08
C ALA B 296 -6.41 4.28 20.20
N MET B 297 -5.61 3.28 19.85
CA MET B 297 -4.79 2.54 20.82
C MET B 297 -3.31 2.91 20.71
N ALA B 298 -3.01 4.07 20.13
CA ALA B 298 -1.61 4.50 20.02
C ALA B 298 -1.05 4.93 21.37
N GLN B 299 -1.86 5.61 22.18
CA GLN B 299 -1.46 6.02 23.51
C GLN B 299 -2.06 5.14 24.59
N SER B 300 -2.56 3.97 24.23
CA SER B 300 -3.16 3.04 25.16
C SER B 300 -2.12 2.01 25.58
N GLN B 301 -2.12 1.66 26.87
CA GLN B 301 -1.22 0.62 27.34
C GLN B 301 -1.75 -0.78 27.04
N ARG B 302 -3.04 -1.00 27.25
CA ARG B 302 -3.67 -2.24 26.84
C ARG B 302 -4.20 -2.05 25.42
N ARG B 303 -3.75 -2.90 24.50
CA ARG B 303 -4.10 -2.80 23.09
C ARG B 303 -4.68 -4.15 22.67
N GLU B 304 -6.00 -4.23 22.58
CA GLU B 304 -6.68 -5.46 22.26
C GLU B 304 -7.79 -5.17 21.27
N LEU B 305 -7.80 -5.92 20.16
CA LEU B 305 -8.79 -5.76 19.11
C LEU B 305 -9.52 -7.08 18.92
N VAL B 306 -10.85 -7.02 19.01
CA VAL B 306 -11.69 -8.21 18.88
C VAL B 306 -12.64 -8.01 17.72
N VAL B 307 -12.69 -8.99 16.84
CA VAL B 307 -13.64 -9.05 15.73
C VAL B 307 -14.48 -10.29 15.94
N THR B 308 -15.79 -10.18 15.80
CA THR B 308 -16.68 -11.28 16.11
C THR B 308 -17.83 -11.25 15.12
N ASN B 309 -18.24 -12.42 14.64
CA ASN B 309 -19.44 -12.47 13.81
C ASN B 309 -20.51 -13.33 14.46
N THR B 310 -21.76 -12.93 14.28
CA THR B 310 -22.90 -13.64 14.86
C THR B 310 -24.04 -13.61 13.87
N PRO B 311 -24.96 -14.58 13.92
CA PRO B 311 -26.20 -14.45 13.13
C PRO B 311 -27.06 -13.31 13.62
N ALA B 312 -27.79 -12.68 12.70
CA ALA B 312 -28.73 -11.63 13.06
C ALA B 312 -29.99 -11.79 12.24
N ALA B 313 -31.05 -11.14 12.73
CA ALA B 313 -32.38 -11.22 12.14
C ALA B 313 -32.37 -10.81 10.66
N ASP B 314 -33.44 -11.20 9.95
CA ASP B 314 -33.62 -10.93 8.53
C ASP B 314 -32.55 -11.63 7.68
N ASP B 315 -32.18 -12.84 8.09
CA ASP B 315 -31.17 -13.65 7.39
C ASP B 315 -29.86 -12.88 7.23
N MET B 316 -29.47 -12.14 8.27
CA MET B 316 -28.31 -11.28 8.19
C MET B 316 -27.19 -11.81 9.08
N ILE B 317 -26.02 -11.19 8.98
CA ILE B 317 -24.88 -11.54 9.81
C ILE B 317 -24.29 -10.25 10.36
N GLU B 318 -24.02 -10.22 11.66
CA GLU B 318 -23.49 -9.03 12.32
C GLU B 318 -22.02 -9.20 12.63
N VAL B 319 -21.23 -8.18 12.28
CA VAL B 319 -19.80 -8.13 12.56
C VAL B 319 -19.54 -7.04 13.60
N GLU B 320 -18.79 -7.38 14.65
CA GLU B 320 -18.43 -6.47 15.75
C GLU B 320 -16.92 -6.33 15.77
N VAL B 321 -16.46 -5.09 15.91
CA VAL B 321 -15.04 -4.75 16.09
C VAL B 321 -14.89 -3.87 17.32
N SER B 322 -14.26 -4.40 18.36
CA SER B 322 -14.11 -3.70 19.63
C SER B 322 -12.62 -3.50 19.92
N ASP B 323 -12.29 -2.35 20.50
CA ASP B 323 -10.91 -2.03 20.88
C ASP B 323 -10.87 -1.52 22.32
N THR B 324 -9.66 -1.34 22.83
CA THR B 324 -9.40 -0.77 24.15
C THR B 324 -8.75 0.60 24.05
N GLY B 325 -9.12 1.36 23.03
CA GLY B 325 -8.50 2.64 22.74
C GLY B 325 -9.07 3.78 23.55
N SER B 326 -8.76 5.00 23.11
CA SER B 326 -9.25 6.20 23.78
C SER B 326 -10.77 6.31 23.72
N GLY B 327 -11.41 5.63 22.77
CA GLY B 327 -12.86 5.57 22.74
C GLY B 327 -13.44 6.91 22.31
N PHE B 328 -14.71 7.11 22.69
CA PHE B 328 -15.50 8.25 22.26
C PHE B 328 -15.92 9.08 23.45
N GLN B 329 -15.66 10.38 23.39
CA GLN B 329 -16.25 11.32 24.33
C GLN B 329 -17.78 11.32 24.21
N ASP B 330 -18.44 11.91 25.22
CA ASP B 330 -19.87 11.72 25.41
C ASP B 330 -20.68 12.19 24.20
N ASP B 331 -20.32 13.34 23.63
CA ASP B 331 -21.07 13.91 22.51
C ASP B 331 -20.63 13.38 21.15
N VAL B 332 -19.61 12.52 21.10
CA VAL B 332 -19.02 12.15 19.82
C VAL B 332 -19.93 11.17 19.07
N ILE B 333 -20.53 10.21 19.79
CA ILE B 333 -21.23 9.10 19.13
C ILE B 333 -22.29 9.55 18.10
N PRO B 334 -23.19 10.48 18.40
CA PRO B 334 -24.19 10.85 17.39
C PRO B 334 -23.68 11.70 16.23
N ASN B 335 -22.42 12.13 16.24
CA ASN B 335 -21.83 12.85 15.11
C ASN B 335 -21.01 11.99 14.17
N LEU B 336 -20.64 10.77 14.58
CA LEU B 336 -19.63 9.98 13.87
C LEU B 336 -19.88 9.88 12.37
N PHE B 337 -21.12 9.61 11.98
CA PHE B 337 -21.40 9.27 10.59
C PHE B 337 -21.73 10.46 9.69
N GLN B 338 -21.84 11.66 10.25
CA GLN B 338 -22.04 12.83 9.41
C GLN B 338 -20.75 13.14 8.65
N THR B 339 -20.90 13.46 7.36
CA THR B 339 -19.75 13.77 6.53
C THR B 339 -18.98 14.97 7.09
N PHE B 340 -17.64 14.84 7.09
CA PHE B 340 -16.64 15.82 7.50
C PHE B 340 -16.45 15.88 9.02
N PHE B 341 -17.11 15.03 9.81
CA PHE B 341 -16.87 15.01 11.24
C PHE B 341 -15.54 14.30 11.54
N THR B 342 -14.66 15.00 12.25
CA THR B 342 -13.34 14.46 12.54
C THR B 342 -12.90 14.93 13.92
N THR B 343 -12.08 14.11 14.59
CA THR B 343 -11.40 14.50 15.81
C THR B 343 -9.90 14.64 15.60
N LYS B 344 -9.42 14.36 14.39
CA LYS B 344 -8.00 14.41 14.06
C LYS B 344 -7.68 15.71 13.34
N ASP B 345 -6.52 16.28 13.63
CA ASP B 345 -6.13 17.51 12.96
C ASP B 345 -5.92 17.31 11.46
N THR B 346 -5.46 16.13 11.05
CA THR B 346 -5.25 15.82 9.65
C THR B 346 -6.28 14.86 9.09
N GLY B 347 -7.35 14.58 9.83
CA GLY B 347 -8.38 13.69 9.35
C GLY B 347 -9.31 14.34 8.34
N MET B 348 -10.03 13.50 7.60
CA MET B 348 -11.00 13.94 6.61
C MET B 348 -12.45 13.72 7.03
N GLY B 349 -12.72 12.74 7.89
CA GLY B 349 -14.06 12.48 8.38
C GLY B 349 -15.03 11.91 7.38
N VAL B 350 -14.53 11.29 6.30
CA VAL B 350 -15.39 10.69 5.30
C VAL B 350 -15.49 9.18 5.44
N GLY B 351 -14.54 8.55 6.14
CA GLY B 351 -14.53 7.09 6.23
C GLY B 351 -15.83 6.50 6.74
N LEU B 352 -16.28 6.95 7.91
CA LEU B 352 -17.50 6.37 8.49
C LEU B 352 -18.75 6.72 7.68
N SER B 353 -18.81 7.90 7.09
CA SER B 353 -19.99 8.27 6.30
C SER B 353 -20.10 7.39 5.05
N ILE B 354 -18.98 7.22 4.34
CA ILE B 354 -18.95 6.33 3.18
C ILE B 354 -19.26 4.90 3.59
N SER B 355 -18.66 4.42 4.68
CA SER B 355 -18.93 3.07 5.15
C SER B 355 -20.41 2.85 5.45
N ARG B 356 -21.03 3.76 6.21
CA ARG B 356 -22.45 3.57 6.51
C ARG B 356 -23.32 3.60 5.26
N SER B 357 -23.00 4.49 4.30
CA SER B 357 -23.81 4.51 3.09
C SER B 357 -23.63 3.23 2.28
N ILE B 358 -22.42 2.68 2.28
CA ILE B 358 -22.16 1.42 1.58
C ILE B 358 -22.90 0.27 2.24
N ILE B 359 -22.82 0.18 3.57
CA ILE B 359 -23.52 -0.89 4.30
C ILE B 359 -25.03 -0.80 4.10
N GLU B 360 -25.59 0.41 4.17
CA GLU B 360 -27.04 0.51 3.97
C GLU B 360 -27.42 0.20 2.52
N ALA B 361 -26.55 0.55 1.56
CA ALA B 361 -26.82 0.19 0.18
C ALA B 361 -26.73 -1.32 -0.04
N HIS B 362 -25.99 -2.03 0.82
CA HIS B 362 -25.87 -3.48 0.81
C HIS B 362 -26.94 -4.19 1.63
N GLY B 363 -27.90 -3.45 2.18
CA GLY B 363 -29.00 -4.04 2.91
C GLY B 363 -28.81 -4.16 4.41
N GLY B 364 -27.73 -3.62 4.97
CA GLY B 364 -27.47 -3.69 6.38
C GLY B 364 -27.59 -2.35 7.10
N ARG B 365 -27.22 -2.38 8.38
CA ARG B 365 -27.19 -1.20 9.23
C ARG B 365 -25.86 -1.13 9.94
N MET B 366 -25.12 -0.03 9.74
CA MET B 366 -23.86 0.20 10.41
C MET B 366 -24.06 1.21 11.55
N TRP B 367 -23.45 0.93 12.69
CA TRP B 367 -23.57 1.81 13.85
C TRP B 367 -22.43 1.53 14.82
N ALA B 368 -22.35 2.37 15.86
CA ALA B 368 -21.24 2.36 16.80
C ALA B 368 -21.75 2.50 18.23
N GLU B 369 -20.91 2.07 19.18
CA GLU B 369 -21.21 2.25 20.60
C GLU B 369 -19.90 2.16 21.39
N SER B 370 -19.90 2.79 22.57
CA SER B 370 -18.80 2.64 23.49
C SER B 370 -18.82 1.25 24.14
N ASN B 371 -17.63 0.71 24.40
CA ASN B 371 -17.50 -0.55 25.12
C ASN B 371 -16.99 -0.30 26.54
N ALA B 372 -17.01 -1.37 27.34
CA ALA B 372 -16.69 -1.27 28.77
C ALA B 372 -15.21 -1.01 29.04
N SER B 373 -14.35 -1.13 28.04
CA SER B 373 -12.91 -0.95 28.23
C SER B 373 -12.44 0.47 27.93
N GLY B 374 -13.35 1.38 27.65
CA GLY B 374 -13.01 2.75 27.31
C GLY B 374 -12.71 2.97 25.85
N GLY B 375 -12.80 1.94 25.02
CA GLY B 375 -12.56 2.01 23.60
C GLY B 375 -13.83 2.15 22.80
N ALA B 376 -13.78 1.69 21.54
CA ALA B 376 -14.86 1.83 20.59
C ALA B 376 -15.27 0.45 20.07
N THR B 377 -16.58 0.26 19.87
CA THR B 377 -17.11 -0.95 19.25
C THR B 377 -17.95 -0.53 18.06
N PHE B 378 -17.64 -1.05 16.89
CA PHE B 378 -18.45 -0.81 15.70
C PHE B 378 -19.17 -2.10 15.35
N ARG B 379 -20.42 -1.99 14.93
CA ARG B 379 -21.17 -3.14 14.45
C ARG B 379 -21.79 -2.81 13.10
N PHE B 380 -21.85 -3.84 12.25
CA PHE B 380 -22.65 -3.73 11.04
C PHE B 380 -23.30 -5.06 10.72
N THR B 381 -24.35 -5.01 9.91
CA THR B 381 -25.04 -6.21 9.48
C THR B 381 -24.98 -6.29 7.96
N LEU B 382 -24.93 -7.51 7.44
CA LEU B 382 -25.04 -7.72 6.02
C LEU B 382 -25.93 -8.90 5.67
PG ATP C . -6.48 8.91 -12.69
O1G ATP C . -5.14 8.27 -12.46
O2G ATP C . -7.59 8.15 -11.99
O3G ATP C . -6.51 10.38 -12.38
PB ATP C . -5.90 9.15 -15.55
O1B ATP C . -4.69 8.26 -15.54
O2B ATP C . -6.78 9.22 -16.75
O3B ATP C . -6.78 8.76 -14.27
PA ATP C . -4.20 11.50 -15.59
O1A ATP C . -2.96 10.89 -15.02
O2A ATP C . -4.48 12.94 -15.32
O3A ATP C . -5.44 10.63 -15.14
O5' ATP C . -4.21 11.25 -17.19
C5' ATP C . -5.20 11.97 -17.94
C4' ATP C . -5.17 11.58 -19.39
O4' ATP C . -3.86 11.76 -19.97
C3' ATP C . -5.44 10.10 -19.72
O3' ATP C . -6.81 9.73 -19.55
C2' ATP C . -5.00 10.08 -21.19
O2' ATP C . -6.00 10.62 -22.03
C1' ATP C . -3.77 10.97 -21.14
N9 ATP C . -2.53 10.25 -21.19
C8 ATP C . -2.35 8.95 -21.60
N7 ATP C . -1.10 8.56 -21.52
C5 ATP C . -0.42 9.66 -21.01
C6 ATP C . 0.94 9.86 -20.70
N6 ATP C . 1.89 8.94 -20.84
N1 ATP C . 1.26 11.06 -20.20
C2 ATP C . 0.28 11.93 -20.06
N3 ATP C . -1.02 11.91 -20.32
C4 ATP C . -1.30 10.70 -20.80
N1 FMN D . 17.18 -16.42 19.24
C2 FMN D . 17.67 -15.26 18.75
O2 FMN D . 17.20 -14.18 19.10
N3 FMN D . 18.67 -15.23 17.83
C4 FMN D . 19.26 -16.37 17.37
O4 FMN D . 20.17 -16.29 16.54
C4A FMN D . 18.79 -17.60 17.86
N5 FMN D . 19.33 -18.71 17.42
C5A FMN D . 18.86 -19.89 17.91
C6 FMN D . 19.43 -21.09 17.45
C7 FMN D . 19.01 -22.31 17.91
C7M FMN D . 19.64 -23.58 17.40
C8 FMN D . 17.96 -22.37 18.86
C8M FMN D . 17.47 -23.70 19.37
C9 FMN D . 17.38 -21.20 19.32
C9A FMN D . 17.81 -19.95 18.86
N10 FMN D . 17.26 -18.75 19.30
C10 FMN D . 17.72 -17.54 18.82
C1' FMN D . 16.16 -18.79 20.28
C2' FMN D . 16.67 -18.59 21.70
O2' FMN D . 17.83 -19.41 21.88
C3' FMN D . 15.61 -19.06 22.70
O3' FMN D . 15.53 -20.49 22.69
C4' FMN D . 14.21 -18.50 22.39
O4' FMN D . 14.28 -17.07 22.30
C5' FMN D . 13.19 -18.88 23.44
O5' FMN D . 13.63 -18.37 24.72
P FMN D . 12.71 -18.63 26.02
O1P FMN D . 11.98 -17.30 26.23
O2P FMN D . 11.77 -19.75 25.65
O3P FMN D . 13.65 -18.97 27.14
PG ATP E . -9.64 9.82 6.81
O1G ATP E . -9.03 8.46 7.02
O2G ATP E . -8.77 10.76 6.03
O3G ATP E . -11.06 9.73 6.27
PB ATP E . -10.54 9.91 9.58
O1B ATP E . -9.83 8.70 10.06
O2B ATP E . -10.78 11.05 10.53
O3B ATP E . -9.81 10.48 8.28
PA ATP E . -13.12 8.59 9.60
O1A ATP E . -12.60 7.22 9.89
O2A ATP E . -14.35 8.73 8.79
O3A ATP E . -11.94 9.46 8.96
O5' ATP E . -13.32 9.37 10.99
C5' ATP E . -14.19 8.81 11.97
C4' ATP E . -14.18 9.66 13.21
O4' ATP E . -14.51 8.84 14.36
C3' ATP E . -12.85 10.31 13.55
O3' ATP E . -12.62 11.51 12.83
C2' ATP E . -13.04 10.52 15.05
O2' ATP E . -13.94 11.57 15.32
C1' ATP E . -13.67 9.19 15.44
N9 ATP E . -12.69 8.10 15.57
C8 ATP E . -11.31 8.18 15.59
N7 ATP E . -10.74 7.01 15.74
C5 ATP E . -11.79 6.11 15.85
C6 ATP E . -11.85 4.72 16.04
N6 ATP E . -10.78 3.95 16.17
N1 ATP E . -13.05 4.15 16.11
C2 ATP E . -14.08 4.97 16.00
N3 ATP E . -14.20 6.26 15.80
C4 ATP E . -12.99 6.78 15.74
N1 FMN F . 19.34 -23.27 -9.18
C2 FMN F . 18.03 -23.54 -9.05
O2 FMN F . 17.22 -23.18 -9.91
N3 FMN F . 17.54 -24.21 -8.00
C4 FMN F . 18.35 -24.66 -6.98
O4 FMN F . 17.85 -25.26 -6.03
C4A FMN F . 19.72 -24.40 -7.07
N5 FMN F . 20.49 -24.82 -6.11
C5A FMN F . 21.83 -24.54 -6.23
C6 FMN F . 22.69 -24.98 -5.21
C7 FMN F . 24.04 -24.73 -5.25
C7M FMN F . 24.94 -25.20 -4.14
C8 FMN F . 24.58 -24.04 -6.35
C8M FMN F . 26.06 -23.76 -6.43
C9 FMN F . 23.75 -23.60 -7.37
C9A FMN F . 22.37 -23.85 -7.32
N10 FMN F . 21.50 -23.43 -8.33
C10 FMN F . 20.15 -23.67 -8.24
C1' FMN F . 22.02 -22.67 -9.48
C2' FMN F . 22.23 -23.53 -10.70
O2' FMN F . 23.09 -24.60 -10.35
C3' FMN F . 22.93 -22.68 -11.75
O3' FMN F . 24.17 -22.22 -11.21
C4' FMN F . 22.12 -21.47 -12.21
O4' FMN F . 20.85 -21.91 -12.71
C5' FMN F . 22.81 -20.73 -13.34
O5' FMN F . 22.65 -21.55 -14.51
P FMN F . 23.53 -21.20 -15.77
O1P FMN F . 23.30 -19.74 -16.02
O2P FMN F . 24.96 -21.50 -15.37
O3P FMN F . 23.03 -22.08 -16.89
#